data_2Y9U
# 
_entry.id   2Y9U 
# 
_audit_conform.dict_name       mmcif_pdbx.dic 
_audit_conform.dict_version    5.391 
_audit_conform.dict_location   http://mmcif.pdb.org/dictionaries/ascii/mmcif_pdbx.dic 
# 
loop_
_database_2.database_id 
_database_2.database_code 
_database_2.pdbx_database_accession 
_database_2.pdbx_DOI 
PDB   2Y9U         pdb_00002y9u 10.2210/pdb2y9u/pdb 
PDBE  EBI-47408    ?            ?                   
WWPDB D_1290047408 ?            ?                   
# 
loop_
_pdbx_audit_revision_history.ordinal 
_pdbx_audit_revision_history.data_content_type 
_pdbx_audit_revision_history.major_revision 
_pdbx_audit_revision_history.minor_revision 
_pdbx_audit_revision_history.revision_date 
1 'Structure model' 1 0 2011-08-03 
2 'Structure model' 1 1 2018-01-24 
3 'Structure model' 1 2 2024-05-08 
# 
_pdbx_audit_revision_details.ordinal             1 
_pdbx_audit_revision_details.revision_ordinal    1 
_pdbx_audit_revision_details.data_content_type   'Structure model' 
_pdbx_audit_revision_details.provider            repository 
_pdbx_audit_revision_details.type                'Initial release' 
_pdbx_audit_revision_details.description         ? 
_pdbx_audit_revision_details.details             ? 
# 
loop_
_pdbx_audit_revision_group.ordinal 
_pdbx_audit_revision_group.revision_ordinal 
_pdbx_audit_revision_group.data_content_type 
_pdbx_audit_revision_group.group 
1 2 'Structure model' 'Source and taxonomy'  
2 3 'Structure model' 'Data collection'      
3 3 'Structure model' 'Database references'  
4 3 'Structure model' 'Derived calculations' 
5 3 'Structure model' Other                  
# 
loop_
_pdbx_audit_revision_category.ordinal 
_pdbx_audit_revision_category.revision_ordinal 
_pdbx_audit_revision_category.data_content_type 
_pdbx_audit_revision_category.category 
1 2 'Structure model' entity_src_gen       
2 3 'Structure model' chem_comp_atom       
3 3 'Structure model' chem_comp_bond       
4 3 'Structure model' database_2           
5 3 'Structure model' pdbx_database_status 
6 3 'Structure model' struct_site          
# 
loop_
_pdbx_audit_revision_item.ordinal 
_pdbx_audit_revision_item.revision_ordinal 
_pdbx_audit_revision_item.data_content_type 
_pdbx_audit_revision_item.item 
1  2 'Structure model' '_entity_src_gen.pdbx_host_org_ncbi_taxonomy_id' 
2  2 'Structure model' '_entity_src_gen.pdbx_host_org_scientific_name'  
3  2 'Structure model' '_entity_src_gen.pdbx_host_org_strain'           
4  2 'Structure model' '_entity_src_gen.pdbx_host_org_variant'          
5  3 'Structure model' '_database_2.pdbx_DOI'                           
6  3 'Structure model' '_database_2.pdbx_database_accession'            
7  3 'Structure model' '_pdbx_database_status.status_code_sf'           
8  3 'Structure model' '_struct_site.pdbx_auth_asym_id'                 
9  3 'Structure model' '_struct_site.pdbx_auth_comp_id'                 
10 3 'Structure model' '_struct_site.pdbx_auth_seq_id'                  
# 
_pdbx_database_status.status_code                     REL 
_pdbx_database_status.entry_id                        2Y9U 
_pdbx_database_status.deposit_site                    PDBE 
_pdbx_database_status.process_site                    PDBE 
_pdbx_database_status.SG_entry                        . 
_pdbx_database_status.recvd_initial_deposition_date   2011-02-16 
_pdbx_database_status.pdb_format_compatible           Y 
_pdbx_database_status.status_code_sf                  REL 
_pdbx_database_status.status_code_mr                  ? 
_pdbx_database_status.status_code_cs                  ? 
_pdbx_database_status.methods_development_category    ? 
_pdbx_database_status.status_code_nmr_data            ? 
# 
loop_
_pdbx_database_related.db_name 
_pdbx_database_related.db_id 
_pdbx_database_related.content_type 
_pdbx_database_related.details 
PDB 1RG6 unspecified 'SOLUTION STRUCTURE OF THE C-TERMINAL DOMAIN OF P63'                   
PDB 2Y9T unspecified 'STRUCTURAL BASIS OF P63A SAM DOMAIN MUTANTS INVOLVED IN AEC SYNDROME' 
# 
loop_
_audit_author.name 
_audit_author.pdbx_ordinal 
'Sathyamurthy, A.' 1 
'Freund, S.M.V.'   2 
'Johnson, C.M.'    3 
'Allen, M.D.'      4 
# 
_citation.id                        primary 
_citation.title                     'Structural Basis of P63Alpha Sam Domain Mutants Involved in Aec Syndrome.' 
_citation.journal_abbrev            'FEBS J.' 
_citation.journal_volume            278 
_citation.page_first                2680 
_citation.page_last                 ? 
_citation.year                      2011 
_citation.journal_id_ASTM           ? 
_citation.country                   UK 
_citation.journal_id_ISSN           1742-464X 
_citation.journal_id_CSD            ? 
_citation.book_publisher            ? 
_citation.pdbx_database_id_PubMed   21615690 
_citation.pdbx_database_id_DOI      10.1111/J.1742-4658.2011.08194.X 
# 
loop_
_citation_author.citation_id 
_citation_author.name 
_citation_author.ordinal 
_citation_author.identifier_ORCID 
primary 'Sathyamurthy, A.' 1 ? 
primary 'Freund, S.M.V.'   2 ? 
primary 'Johnson, C.M.'    3 ? 
primary 'Allen, M.D.'      4 ? 
primary 'Bycroft, M.'      5 ? 
# 
loop_
_entity.id 
_entity.type 
_entity.src_method 
_entity.pdbx_description 
_entity.formula_weight 
_entity.pdbx_number_of_molecules 
_entity.pdbx_ec 
_entity.pdbx_mutation 
_entity.pdbx_fragment 
_entity.details 
1 polymer     man 'TUMOR PROTEIN 63' 7904.923 1  ? ? 'SAM DOMAIN, RESIDUES 545-611' ? 
2 non-polymer syn 'SULFATE ION'      96.063   1  ? ? ?                              ? 
3 water       nat water              18.015   81 ? ? ?                              ? 
# 
_entity_name_com.entity_id   1 
_entity_name_com.name        
;CHRONIC ULCERATIVE STOMATITIS PROTEIN, KERATINOCYTE TRANSCRIPTION FACTOR KET, TRANSFORMATION-RELATED PROTEIN 63, TUMOR PROTEIN P73-LIKE, P40, P51, P63, CUSP, TP63, P73L
;
# 
_entity_poly.entity_id                      1 
_entity_poly.type                           'polypeptide(L)' 
_entity_poly.nstd_linkage                   no 
_entity_poly.nstd_monomer                   no 
_entity_poly.pdbx_seq_one_letter_code       GSTDCSIVSFLARLGCSSCLDYFTTQGLTTIYQIEHYSMDDLASLKIPEQFRHAIWKGILDHRQLHEFS 
_entity_poly.pdbx_seq_one_letter_code_can   GSTDCSIVSFLARLGCSSCLDYFTTQGLTTIYQIEHYSMDDLASLKIPEQFRHAIWKGILDHRQLHEFS 
_entity_poly.pdbx_strand_id                 A 
_entity_poly.pdbx_target_identifier         ? 
# 
loop_
_pdbx_entity_nonpoly.entity_id 
_pdbx_entity_nonpoly.name 
_pdbx_entity_nonpoly.comp_id 
2 'SULFATE ION' SO4 
3 water         HOH 
# 
loop_
_entity_poly_seq.entity_id 
_entity_poly_seq.num 
_entity_poly_seq.mon_id 
_entity_poly_seq.hetero 
1 1  GLY n 
1 2  SER n 
1 3  THR n 
1 4  ASP n 
1 5  CYS n 
1 6  SER n 
1 7  ILE n 
1 8  VAL n 
1 9  SER n 
1 10 PHE n 
1 11 LEU n 
1 12 ALA n 
1 13 ARG n 
1 14 LEU n 
1 15 GLY n 
1 16 CYS n 
1 17 SER n 
1 18 SER n 
1 19 CYS n 
1 20 LEU n 
1 21 ASP n 
1 22 TYR n 
1 23 PHE n 
1 24 THR n 
1 25 THR n 
1 26 GLN n 
1 27 GLY n 
1 28 LEU n 
1 29 THR n 
1 30 THR n 
1 31 ILE n 
1 32 TYR n 
1 33 GLN n 
1 34 ILE n 
1 35 GLU n 
1 36 HIS n 
1 37 TYR n 
1 38 SER n 
1 39 MET n 
1 40 ASP n 
1 41 ASP n 
1 42 LEU n 
1 43 ALA n 
1 44 SER n 
1 45 LEU n 
1 46 LYS n 
1 47 ILE n 
1 48 PRO n 
1 49 GLU n 
1 50 GLN n 
1 51 PHE n 
1 52 ARG n 
1 53 HIS n 
1 54 ALA n 
1 55 ILE n 
1 56 TRP n 
1 57 LYS n 
1 58 GLY n 
1 59 ILE n 
1 60 LEU n 
1 61 ASP n 
1 62 HIS n 
1 63 ARG n 
1 64 GLN n 
1 65 LEU n 
1 66 HIS n 
1 67 GLU n 
1 68 PHE n 
1 69 SER n 
# 
_entity_src_gen.entity_id                          1 
_entity_src_gen.pdbx_src_id                        1 
_entity_src_gen.pdbx_alt_source_flag               sample 
_entity_src_gen.pdbx_seq_type                      ? 
_entity_src_gen.pdbx_beg_seq_num                   ? 
_entity_src_gen.pdbx_end_seq_num                   ? 
_entity_src_gen.gene_src_common_name               HUMAN 
_entity_src_gen.gene_src_genus                     ? 
_entity_src_gen.pdbx_gene_src_gene                 ? 
_entity_src_gen.gene_src_species                   ? 
_entity_src_gen.gene_src_strain                    ? 
_entity_src_gen.gene_src_tissue                    ? 
_entity_src_gen.gene_src_tissue_fraction           ? 
_entity_src_gen.gene_src_details                   ? 
_entity_src_gen.pdbx_gene_src_fragment             ? 
_entity_src_gen.pdbx_gene_src_scientific_name      'HOMO SAPIENS' 
_entity_src_gen.pdbx_gene_src_ncbi_taxonomy_id     9606 
_entity_src_gen.pdbx_gene_src_variant              ? 
_entity_src_gen.pdbx_gene_src_cell_line            ? 
_entity_src_gen.pdbx_gene_src_atcc                 ? 
_entity_src_gen.pdbx_gene_src_organ                ? 
_entity_src_gen.pdbx_gene_src_organelle            ? 
_entity_src_gen.pdbx_gene_src_cell                 ? 
_entity_src_gen.pdbx_gene_src_cellular_location    ? 
_entity_src_gen.host_org_common_name               ? 
_entity_src_gen.pdbx_host_org_scientific_name      'ESCHERICHIA COLI BL21(DE3)' 
_entity_src_gen.pdbx_host_org_ncbi_taxonomy_id     469008 
_entity_src_gen.host_org_genus                     ? 
_entity_src_gen.pdbx_host_org_gene                 ? 
_entity_src_gen.pdbx_host_org_organ                ? 
_entity_src_gen.host_org_species                   ? 
_entity_src_gen.pdbx_host_org_tissue               ? 
_entity_src_gen.pdbx_host_org_tissue_fraction      ? 
_entity_src_gen.pdbx_host_org_strain               ? 
_entity_src_gen.pdbx_host_org_variant              C41 
_entity_src_gen.pdbx_host_org_cell_line            ? 
_entity_src_gen.pdbx_host_org_atcc                 ? 
_entity_src_gen.pdbx_host_org_culture_collection   ? 
_entity_src_gen.pdbx_host_org_cell                 ? 
_entity_src_gen.pdbx_host_org_organelle            ? 
_entity_src_gen.pdbx_host_org_cellular_location    ? 
_entity_src_gen.pdbx_host_org_vector_type          PLASMID 
_entity_src_gen.pdbx_host_org_vector               'MODIFIED PRSETA' 
_entity_src_gen.host_org_details                   ? 
_entity_src_gen.expression_system_id               ? 
_entity_src_gen.plasmid_name                       ? 
_entity_src_gen.plasmid_details                    ? 
_entity_src_gen.pdbx_description                   ? 
# 
loop_
_chem_comp.id 
_chem_comp.type 
_chem_comp.mon_nstd_flag 
_chem_comp.name 
_chem_comp.pdbx_synonyms 
_chem_comp.formula 
_chem_comp.formula_weight 
ALA 'L-peptide linking' y ALANINE         ? 'C3 H7 N O2'     89.093  
ARG 'L-peptide linking' y ARGININE        ? 'C6 H15 N4 O2 1' 175.209 
ASP 'L-peptide linking' y 'ASPARTIC ACID' ? 'C4 H7 N O4'     133.103 
CYS 'L-peptide linking' y CYSTEINE        ? 'C3 H7 N O2 S'   121.158 
GLN 'L-peptide linking' y GLUTAMINE       ? 'C5 H10 N2 O3'   146.144 
GLU 'L-peptide linking' y 'GLUTAMIC ACID' ? 'C5 H9 N O4'     147.129 
GLY 'peptide linking'   y GLYCINE         ? 'C2 H5 N O2'     75.067  
HIS 'L-peptide linking' y HISTIDINE       ? 'C6 H10 N3 O2 1' 156.162 
HOH non-polymer         . WATER           ? 'H2 O'           18.015  
ILE 'L-peptide linking' y ISOLEUCINE      ? 'C6 H13 N O2'    131.173 
LEU 'L-peptide linking' y LEUCINE         ? 'C6 H13 N O2'    131.173 
LYS 'L-peptide linking' y LYSINE          ? 'C6 H15 N2 O2 1' 147.195 
MET 'L-peptide linking' y METHIONINE      ? 'C5 H11 N O2 S'  149.211 
PHE 'L-peptide linking' y PHENYLALANINE   ? 'C9 H11 N O2'    165.189 
PRO 'L-peptide linking' y PROLINE         ? 'C5 H9 N O2'     115.130 
SER 'L-peptide linking' y SERINE          ? 'C3 H7 N O3'     105.093 
SO4 non-polymer         . 'SULFATE ION'   ? 'O4 S -2'        96.063  
THR 'L-peptide linking' y THREONINE       ? 'C4 H9 N O3'     119.119 
TRP 'L-peptide linking' y TRYPTOPHAN      ? 'C11 H12 N2 O2'  204.225 
TYR 'L-peptide linking' y TYROSINE        ? 'C9 H11 N O3'    181.189 
VAL 'L-peptide linking' y VALINE          ? 'C5 H11 N O2'    117.146 
# 
loop_
_pdbx_poly_seq_scheme.asym_id 
_pdbx_poly_seq_scheme.entity_id 
_pdbx_poly_seq_scheme.seq_id 
_pdbx_poly_seq_scheme.mon_id 
_pdbx_poly_seq_scheme.ndb_seq_num 
_pdbx_poly_seq_scheme.pdb_seq_num 
_pdbx_poly_seq_scheme.auth_seq_num 
_pdbx_poly_seq_scheme.pdb_mon_id 
_pdbx_poly_seq_scheme.auth_mon_id 
_pdbx_poly_seq_scheme.pdb_strand_id 
_pdbx_poly_seq_scheme.pdb_ins_code 
_pdbx_poly_seq_scheme.hetero 
A 1 1  GLY 1  543 ?   ?   ?   A . n 
A 1 2  SER 2  544 ?   ?   ?   A . n 
A 1 3  THR 3  545 545 THR THR A . n 
A 1 4  ASP 4  546 546 ASP ASP A . n 
A 1 5  CYS 5  547 547 CYS CYS A . n 
A 1 6  SER 6  548 548 SER SER A . n 
A 1 7  ILE 7  549 549 ILE ILE A . n 
A 1 8  VAL 8  550 550 VAL VAL A . n 
A 1 9  SER 9  551 551 SER SER A . n 
A 1 10 PHE 10 552 552 PHE PHE A . n 
A 1 11 LEU 11 553 553 LEU LEU A . n 
A 1 12 ALA 12 554 554 ALA ALA A . n 
A 1 13 ARG 13 555 555 ARG ARG A . n 
A 1 14 LEU 14 556 556 LEU LEU A . n 
A 1 15 GLY 15 557 557 GLY GLY A . n 
A 1 16 CYS 16 558 558 CYS CYS A . n 
A 1 17 SER 17 559 559 SER SER A . n 
A 1 18 SER 18 560 560 SER SER A . n 
A 1 19 CYS 19 561 561 CYS CYS A . n 
A 1 20 LEU 20 562 562 LEU LEU A . n 
A 1 21 ASP 21 563 563 ASP ASP A . n 
A 1 22 TYR 22 564 564 TYR TYR A . n 
A 1 23 PHE 23 565 565 PHE PHE A . n 
A 1 24 THR 24 566 566 THR THR A . n 
A 1 25 THR 25 567 567 THR THR A . n 
A 1 26 GLN 26 568 568 GLN GLN A . n 
A 1 27 GLY 27 569 569 GLY GLY A . n 
A 1 28 LEU 28 570 570 LEU LEU A . n 
A 1 29 THR 29 571 571 THR THR A . n 
A 1 30 THR 30 572 572 THR THR A . n 
A 1 31 ILE 31 573 573 ILE ILE A . n 
A 1 32 TYR 32 574 574 TYR TYR A . n 
A 1 33 GLN 33 575 575 GLN GLN A . n 
A 1 34 ILE 34 576 576 ILE ILE A . n 
A 1 35 GLU 35 577 577 GLU GLU A . n 
A 1 36 HIS 36 578 578 HIS HIS A . n 
A 1 37 TYR 37 579 579 TYR TYR A . n 
A 1 38 SER 38 580 580 SER SER A . n 
A 1 39 MET 39 581 581 MET MET A . n 
A 1 40 ASP 40 582 582 ASP ASP A . n 
A 1 41 ASP 41 583 583 ASP ASP A . n 
A 1 42 LEU 42 584 584 LEU LEU A . n 
A 1 43 ALA 43 585 585 ALA ALA A . n 
A 1 44 SER 44 586 586 SER SER A . n 
A 1 45 LEU 45 587 587 LEU LEU A . n 
A 1 46 LYS 46 588 588 LYS LYS A . n 
A 1 47 ILE 47 589 589 ILE ILE A . n 
A 1 48 PRO 48 590 590 PRO PRO A . n 
A 1 49 GLU 49 591 591 GLU GLU A . n 
A 1 50 GLN 50 592 592 GLN GLN A . n 
A 1 51 PHE 51 593 593 PHE PHE A . n 
A 1 52 ARG 52 594 594 ARG ARG A . n 
A 1 53 HIS 53 595 595 HIS HIS A . n 
A 1 54 ALA 54 596 596 ALA ALA A . n 
A 1 55 ILE 55 597 597 ILE ILE A . n 
A 1 56 TRP 56 598 598 TRP TRP A . n 
A 1 57 LYS 57 599 599 LYS LYS A . n 
A 1 58 GLY 58 600 600 GLY GLY A . n 
A 1 59 ILE 59 601 601 ILE ILE A . n 
A 1 60 LEU 60 602 602 LEU LEU A . n 
A 1 61 ASP 61 603 603 ASP ASP A . n 
A 1 62 HIS 62 604 604 HIS HIS A . n 
A 1 63 ARG 63 605 605 ARG ARG A . n 
A 1 64 GLN 64 606 606 GLN GLN A . n 
A 1 65 LEU 65 607 607 LEU LEU A . n 
A 1 66 HIS 66 608 608 HIS HIS A . n 
A 1 67 GLU 67 609 609 GLU GLU A . n 
A 1 68 PHE 68 610 610 PHE PHE A . n 
A 1 69 SER 69 611 611 SER SER A . n 
# 
loop_
_pdbx_nonpoly_scheme.asym_id 
_pdbx_nonpoly_scheme.entity_id 
_pdbx_nonpoly_scheme.mon_id 
_pdbx_nonpoly_scheme.ndb_seq_num 
_pdbx_nonpoly_scheme.pdb_seq_num 
_pdbx_nonpoly_scheme.auth_seq_num 
_pdbx_nonpoly_scheme.pdb_mon_id 
_pdbx_nonpoly_scheme.auth_mon_id 
_pdbx_nonpoly_scheme.pdb_strand_id 
_pdbx_nonpoly_scheme.pdb_ins_code 
B 2 SO4 1  1612 1612 SO4 SO4 A . 
C 3 HOH 1  2001 2001 HOH HOH A . 
C 3 HOH 2  2002 2002 HOH HOH A . 
C 3 HOH 3  2003 2003 HOH HOH A . 
C 3 HOH 4  2004 2004 HOH HOH A . 
C 3 HOH 5  2005 2005 HOH HOH A . 
C 3 HOH 6  2006 2006 HOH HOH A . 
C 3 HOH 7  2007 2007 HOH HOH A . 
C 3 HOH 8  2008 2008 HOH HOH A . 
C 3 HOH 9  2009 2009 HOH HOH A . 
C 3 HOH 10 2010 2010 HOH HOH A . 
C 3 HOH 11 2011 2011 HOH HOH A . 
C 3 HOH 12 2012 2012 HOH HOH A . 
C 3 HOH 13 2013 2013 HOH HOH A . 
C 3 HOH 14 2014 2014 HOH HOH A . 
C 3 HOH 15 2015 2015 HOH HOH A . 
C 3 HOH 16 2016 2016 HOH HOH A . 
C 3 HOH 17 2017 2017 HOH HOH A . 
C 3 HOH 18 2018 2018 HOH HOH A . 
C 3 HOH 19 2019 2019 HOH HOH A . 
C 3 HOH 20 2020 2020 HOH HOH A . 
C 3 HOH 21 2021 2021 HOH HOH A . 
C 3 HOH 22 2022 2022 HOH HOH A . 
C 3 HOH 23 2023 2023 HOH HOH A . 
C 3 HOH 24 2024 2024 HOH HOH A . 
C 3 HOH 25 2025 2025 HOH HOH A . 
C 3 HOH 26 2026 2026 HOH HOH A . 
C 3 HOH 27 2027 2027 HOH HOH A . 
C 3 HOH 28 2028 2028 HOH HOH A . 
C 3 HOH 29 2029 2029 HOH HOH A . 
C 3 HOH 30 2030 2030 HOH HOH A . 
C 3 HOH 31 2031 2031 HOH HOH A . 
C 3 HOH 32 2032 2032 HOH HOH A . 
C 3 HOH 33 2033 2033 HOH HOH A . 
C 3 HOH 34 2034 2034 HOH HOH A . 
C 3 HOH 35 2035 2035 HOH HOH A . 
C 3 HOH 36 2036 2036 HOH HOH A . 
C 3 HOH 37 2037 2037 HOH HOH A . 
C 3 HOH 38 2038 2038 HOH HOH A . 
C 3 HOH 39 2039 2039 HOH HOH A . 
C 3 HOH 40 2040 2040 HOH HOH A . 
C 3 HOH 41 2041 2041 HOH HOH A . 
C 3 HOH 42 2042 2042 HOH HOH A . 
C 3 HOH 43 2043 2043 HOH HOH A . 
C 3 HOH 44 2044 2044 HOH HOH A . 
C 3 HOH 45 2045 2045 HOH HOH A . 
C 3 HOH 46 2046 2046 HOH HOH A . 
C 3 HOH 47 2047 2047 HOH HOH A . 
C 3 HOH 48 2048 2048 HOH HOH A . 
C 3 HOH 49 2049 2049 HOH HOH A . 
C 3 HOH 50 2050 2050 HOH HOH A . 
C 3 HOH 51 2051 2051 HOH HOH A . 
C 3 HOH 52 2052 2052 HOH HOH A . 
C 3 HOH 53 2053 2053 HOH HOH A . 
C 3 HOH 54 2054 2054 HOH HOH A . 
C 3 HOH 55 2055 2055 HOH HOH A . 
C 3 HOH 56 2056 2056 HOH HOH A . 
C 3 HOH 57 2057 2057 HOH HOH A . 
C 3 HOH 58 2058 2058 HOH HOH A . 
C 3 HOH 59 2059 2059 HOH HOH A . 
C 3 HOH 60 2060 2060 HOH HOH A . 
C 3 HOH 61 2061 2061 HOH HOH A . 
C 3 HOH 62 2062 2062 HOH HOH A . 
C 3 HOH 63 2063 2063 HOH HOH A . 
C 3 HOH 64 2064 2064 HOH HOH A . 
C 3 HOH 65 2065 2065 HOH HOH A . 
C 3 HOH 66 2066 2066 HOH HOH A . 
C 3 HOH 67 2067 2067 HOH HOH A . 
C 3 HOH 68 2068 2068 HOH HOH A . 
C 3 HOH 69 2069 2069 HOH HOH A . 
C 3 HOH 70 2070 2070 HOH HOH A . 
C 3 HOH 71 2071 2071 HOH HOH A . 
C 3 HOH 72 2072 2072 HOH HOH A . 
C 3 HOH 73 2073 2073 HOH HOH A . 
C 3 HOH 74 2074 2074 HOH HOH A . 
C 3 HOH 75 2075 2075 HOH HOH A . 
C 3 HOH 76 2076 2076 HOH HOH A . 
C 3 HOH 77 2077 2077 HOH HOH A . 
C 3 HOH 78 2078 2078 HOH HOH A . 
C 3 HOH 79 2079 2079 HOH HOH A . 
C 3 HOH 80 2080 2080 HOH HOH A . 
C 3 HOH 81 2081 2081 HOH HOH A . 
# 
loop_
_software.name 
_software.classification 
_software.version 
_software.citation_id 
_software.pdbx_ordinal 
PHENIX refinement       '(PHENIX.REFINE)' ? 1 
MOSFLM 'data reduction' .                 ? 2 
SCALA  'data scaling'   .                 ? 3 
PHASER phasing          .                 ? 4 
# 
_cell.entry_id           2Y9U 
_cell.length_a           34.624 
_cell.length_b           38.309 
_cell.length_c           44.516 
_cell.angle_alpha        90.00 
_cell.angle_beta         90.00 
_cell.angle_gamma        90.00 
_cell.Z_PDB              4 
_cell.pdbx_unique_axis   ? 
# 
_symmetry.entry_id                         2Y9U 
_symmetry.space_group_name_H-M             'P 21 21 21' 
_symmetry.pdbx_full_space_group_name_H-M   ? 
_symmetry.cell_setting                     ? 
_symmetry.Int_Tables_number                19 
# 
_exptl.entry_id          2Y9U 
_exptl.method            'X-RAY DIFFRACTION' 
_exptl.crystals_number   1 
# 
_exptl_crystal.id                    1 
_exptl_crystal.density_meas          ? 
_exptl_crystal.density_Matthews      1.87 
_exptl_crystal.density_percent_sol   34.13 
_exptl_crystal.description           NONE 
# 
_exptl_crystal_grow.crystal_id      1 
_exptl_crystal_grow.method          ? 
_exptl_crystal_grow.temp            ? 
_exptl_crystal_grow.temp_details    ? 
_exptl_crystal_grow.pH              6.4 
_exptl_crystal_grow.pdbx_pH_range   ? 
_exptl_crystal_grow.pdbx_details    '100 MM SODIUM CITRATE, PH 6.4, 500MM LITHIUM SULPHATE, 500MM AMMONIUM SULPHATE, 5MM DTT' 
# 
_diffrn.id                     1 
_diffrn.ambient_temp           100 
_diffrn.ambient_temp_details   ? 
_diffrn.crystal_id             1 
# 
_diffrn_detector.diffrn_id              1 
_diffrn_detector.detector               CCD 
_diffrn_detector.type                   'ADSC CCD' 
_diffrn_detector.pdbx_collection_date   ? 
_diffrn_detector.details                ? 
# 
_diffrn_radiation.diffrn_id                        1 
_diffrn_radiation.wavelength_id                    1 
_diffrn_radiation.pdbx_monochromatic_or_laue_m_l   M 
_diffrn_radiation.monochromator                    ? 
_diffrn_radiation.pdbx_diffrn_protocol             'SINGLE WAVELENGTH' 
_diffrn_radiation.pdbx_scattering_type             x-ray 
# 
_diffrn_radiation_wavelength.id           1 
_diffrn_radiation_wavelength.wavelength   0.9795 
_diffrn_radiation_wavelength.wt           1.0 
# 
_diffrn_source.diffrn_id                   1 
_diffrn_source.source                      SYNCHROTRON 
_diffrn_source.type                        'ESRF BEAMLINE ID14-2' 
_diffrn_source.pdbx_synchrotron_site       ESRF 
_diffrn_source.pdbx_synchrotron_beamline   ID14-2 
_diffrn_source.pdbx_wavelength             0.9795 
_diffrn_source.pdbx_wavelength_list        ? 
# 
_reflns.pdbx_diffrn_id               1 
_reflns.pdbx_ordinal                 1 
_reflns.entry_id                     2Y9U 
_reflns.observed_criterion_sigma_I   2.0 
_reflns.observed_criterion_sigma_F   ? 
_reflns.d_resolution_low             27.40 
_reflns.d_resolution_high            1.60 
_reflns.number_obs                   8205 
_reflns.number_all                   ? 
_reflns.percent_possible_obs         98.9 
_reflns.pdbx_Rmerge_I_obs            0.11 
_reflns.pdbx_Rsym_value              ? 
_reflns.pdbx_netI_over_sigmaI        14.00 
_reflns.B_iso_Wilson_estimate        15.69 
_reflns.pdbx_redundancy              5.3 
# 
_reflns_shell.pdbx_diffrn_id         1 
_reflns_shell.pdbx_ordinal           1 
_reflns_shell.d_res_high             1.60 
_reflns_shell.d_res_low              ? 
_reflns_shell.percent_possible_all   96.0 
_reflns_shell.Rmerge_I_obs           0.30 
_reflns_shell.pdbx_Rsym_value        ? 
_reflns_shell.meanI_over_sigI_obs    4.70 
_reflns_shell.pdbx_redundancy        5.5 
# 
_refine.pdbx_refine_id                           'X-RAY DIFFRACTION' 
_refine.entry_id                                 2Y9U 
_refine.pdbx_diffrn_id                           1 
_refine.pdbx_TLS_residual_ADP_flag               ? 
_refine.ls_number_reflns_obs                     8175 
_refine.ls_number_reflns_all                     ? 
_refine.pdbx_ls_sigma_I                          ? 
_refine.pdbx_ls_sigma_F                          1.32 
_refine.pdbx_data_cutoff_high_absF               ? 
_refine.pdbx_data_cutoff_low_absF                ? 
_refine.pdbx_data_cutoff_high_rms_absF           ? 
_refine.ls_d_res_low                             22.249 
_refine.ls_d_res_high                            1.60 
_refine.ls_percent_reflns_obs                    97.23 
_refine.ls_R_factor_obs                          0.1863 
_refine.ls_R_factor_all                          ? 
_refine.ls_R_factor_R_work                       0.1853 
_refine.ls_R_factor_R_free                       0.2056 
_refine.ls_R_factor_R_free_error                 ? 
_refine.ls_R_factor_R_free_error_details         ? 
_refine.ls_percent_reflns_R_free                 5.2 
_refine.ls_number_reflns_R_free                  757 
_refine.ls_number_parameters                     ? 
_refine.ls_number_restraints                     ? 
_refine.occupancy_min                            ? 
_refine.occupancy_max                            ? 
_refine.correlation_coeff_Fo_to_Fc               ? 
_refine.correlation_coeff_Fo_to_Fc_free          ? 
_refine.B_iso_mean                               ? 
_refine.aniso_B[1][1]                            4.5086 
_refine.aniso_B[2][2]                            1.1207 
_refine.aniso_B[3][3]                            -6.7947 
_refine.aniso_B[1][2]                            0.0000 
_refine.aniso_B[1][3]                            0.0000 
_refine.aniso_B[2][3]                            0.0000 
_refine.solvent_model_details                    'FLAT BULK SOLVENT MODEL' 
_refine.solvent_model_param_ksol                 0.399 
_refine.solvent_model_param_bsol                 50.799 
_refine.pdbx_solvent_vdw_probe_radii             1.11 
_refine.pdbx_solvent_ion_probe_radii             ? 
_refine.pdbx_solvent_shrinkage_radii             0.90 
_refine.pdbx_ls_cross_valid_method               ? 
_refine.details                                  ? 
_refine.pdbx_starting_model                      ? 
_refine.pdbx_method_to_determine_struct          'MOLECULAR REPLACEMENT' 
_refine.pdbx_isotropic_thermal_model             ? 
_refine.pdbx_stereochemistry_target_values       ML 
_refine.pdbx_stereochem_target_val_spec_case     ? 
_refine.pdbx_R_Free_selection_details            ? 
_refine.pdbx_overall_ESU_R                       ? 
_refine.pdbx_overall_ESU_R_Free                  ? 
_refine.overall_SU_ML                            0.16 
_refine.pdbx_overall_phase_error                 19.05 
_refine.overall_SU_B                             ? 
_refine.overall_SU_R_Cruickshank_DPI             ? 
_refine.pdbx_overall_SU_R_free_Cruickshank_DPI   ? 
_refine.pdbx_overall_SU_R_Blow_DPI               ? 
_refine.pdbx_overall_SU_R_free_Blow_DPI          ? 
# 
_refine_hist.pdbx_refine_id                   'X-RAY DIFFRACTION' 
_refine_hist.cycle_id                         LAST 
_refine_hist.pdbx_number_atoms_protein        544 
_refine_hist.pdbx_number_atoms_nucleic_acid   0 
_refine_hist.pdbx_number_atoms_ligand         5 
_refine_hist.number_atoms_solvent             81 
_refine_hist.number_atoms_total               630 
_refine_hist.d_res_high                       1.60 
_refine_hist.d_res_low                        22.249 
# 
loop_
_refine_ls_restr.type 
_refine_ls_restr.dev_ideal 
_refine_ls_restr.dev_ideal_target 
_refine_ls_restr.weight 
_refine_ls_restr.number 
_refine_ls_restr.pdbx_refine_id 
_refine_ls_restr.pdbx_restraint_function 
f_bond_d           0.009  ? ? 562 'X-RAY DIFFRACTION' ? 
f_angle_d          1.192  ? ? 761 'X-RAY DIFFRACTION' ? 
f_dihedral_angle_d 16.183 ? ? 194 'X-RAY DIFFRACTION' ? 
f_chiral_restr     0.073  ? ? 84  'X-RAY DIFFRACTION' ? 
f_plane_restr      0.005  ? ? 95  'X-RAY DIFFRACTION' ? 
# 
loop_
_refine_ls_shell.pdbx_refine_id 
_refine_ls_shell.pdbx_total_number_of_bins_used 
_refine_ls_shell.d_res_high 
_refine_ls_shell.d_res_low 
_refine_ls_shell.number_reflns_R_work 
_refine_ls_shell.R_factor_R_work 
_refine_ls_shell.percent_reflns_obs 
_refine_ls_shell.R_factor_R_free 
_refine_ls_shell.R_factor_R_free_error 
_refine_ls_shell.percent_reflns_R_free 
_refine_ls_shell.number_reflns_R_free 
_refine_ls_shell.number_reflns_all 
_refine_ls_shell.R_factor_all 
'X-RAY DIFFRACTION' . 1.6001 1.7236  2782 0.2002 97.00 0.2250 . . 166 . . 
'X-RAY DIFFRACTION' . 1.7236 1.8969  2777 0.1849 97.00 0.2017 . . 167 . . 
'X-RAY DIFFRACTION' . 1.8969 2.1712  2794 0.1768 97.00 0.2214 . . 150 . . 
'X-RAY DIFFRACTION' . 2.1712 2.7347  2793 0.1812 97.00 0.2306 . . 136 . . 
'X-RAY DIFFRACTION' . 2.7347 22.2509 2782 0.1838 97.00 0.1817 . . 138 . . 
# 
_struct.entry_id                  2Y9U 
_struct.title                     'Structural basis of p63a SAM domain mutants involved in AEC syndrome' 
_struct.pdbx_model_details        ? 
_struct.pdbx_CASP_flag            ? 
_struct.pdbx_model_type_details   ? 
# 
_struct_keywords.entry_id        2Y9U 
_struct_keywords.pdbx_keywords   APOPTOSIS 
_struct_keywords.text            'APOPTOSIS, STERILE ALPHA MOTIF, 5-HELIX BUNDLE, MUTATIONS, AEC SYNDROME' 
# 
loop_
_struct_asym.id 
_struct_asym.pdbx_blank_PDB_chainid_flag 
_struct_asym.pdbx_modified 
_struct_asym.entity_id 
_struct_asym.details 
A N N 1 ? 
B N N 2 ? 
C N N 3 ? 
# 
_struct_ref.id                         1 
_struct_ref.db_name                    UNP 
_struct_ref.db_code                    P63_HUMAN 
_struct_ref.entity_id                  1 
_struct_ref.pdbx_seq_one_letter_code   ? 
_struct_ref.pdbx_align_begin           ? 
_struct_ref.pdbx_db_accession          Q9H3D4 
_struct_ref.pdbx_db_isoform            ? 
# 
_struct_ref_seq.align_id                      1 
_struct_ref_seq.ref_id                        1 
_struct_ref_seq.pdbx_PDB_id_code              2Y9U 
_struct_ref_seq.pdbx_strand_id                A 
_struct_ref_seq.seq_align_beg                 3 
_struct_ref_seq.pdbx_seq_align_beg_ins_code   ? 
_struct_ref_seq.seq_align_end                 69 
_struct_ref_seq.pdbx_seq_align_end_ins_code   ? 
_struct_ref_seq.pdbx_db_accession             Q9H3D4 
_struct_ref_seq.db_align_beg                  545 
_struct_ref_seq.pdbx_db_align_beg_ins_code    ? 
_struct_ref_seq.db_align_end                  611 
_struct_ref_seq.pdbx_db_align_end_ins_code    ? 
_struct_ref_seq.pdbx_auth_seq_align_beg       545 
_struct_ref_seq.pdbx_auth_seq_align_end       611 
# 
loop_
_struct_ref_seq_dif.align_id 
_struct_ref_seq_dif.pdbx_pdb_id_code 
_struct_ref_seq_dif.mon_id 
_struct_ref_seq_dif.pdbx_pdb_strand_id 
_struct_ref_seq_dif.seq_num 
_struct_ref_seq_dif.pdbx_pdb_ins_code 
_struct_ref_seq_dif.pdbx_seq_db_name 
_struct_ref_seq_dif.pdbx_seq_db_accession_code 
_struct_ref_seq_dif.db_mon_id 
_struct_ref_seq_dif.pdbx_seq_db_seq_num 
_struct_ref_seq_dif.details 
_struct_ref_seq_dif.pdbx_auth_seq_num 
_struct_ref_seq_dif.pdbx_ordinal 
1 2Y9U GLY A 1 ? UNP Q9H3D4 ? ? 'expression tag' 543 1 
1 2Y9U SER A 2 ? UNP Q9H3D4 ? ? 'expression tag' 544 2 
# 
_pdbx_struct_assembly.id                   1 
_pdbx_struct_assembly.details              author_and_software_defined_assembly 
_pdbx_struct_assembly.method_details       PISA 
_pdbx_struct_assembly.oligomeric_details   monomeric 
_pdbx_struct_assembly.oligomeric_count     1 
# 
_pdbx_struct_assembly_gen.assembly_id       1 
_pdbx_struct_assembly_gen.oper_expression   1 
_pdbx_struct_assembly_gen.asym_id_list      A,B,C 
# 
_pdbx_struct_oper_list.id                   1 
_pdbx_struct_oper_list.type                 'identity operation' 
_pdbx_struct_oper_list.name                 1_555 
_pdbx_struct_oper_list.symmetry_operation   x,y,z 
_pdbx_struct_oper_list.matrix[1][1]         1.0000000000 
_pdbx_struct_oper_list.matrix[1][2]         0.0000000000 
_pdbx_struct_oper_list.matrix[1][3]         0.0000000000 
_pdbx_struct_oper_list.vector[1]            0.0000000000 
_pdbx_struct_oper_list.matrix[2][1]         0.0000000000 
_pdbx_struct_oper_list.matrix[2][2]         1.0000000000 
_pdbx_struct_oper_list.matrix[2][3]         0.0000000000 
_pdbx_struct_oper_list.vector[2]            0.0000000000 
_pdbx_struct_oper_list.matrix[3][1]         0.0000000000 
_pdbx_struct_oper_list.matrix[3][2]         0.0000000000 
_pdbx_struct_oper_list.matrix[3][3]         1.0000000000 
_pdbx_struct_oper_list.vector[3]            0.0000000000 
# 
_struct_biol.id   1 
# 
loop_
_struct_conf.conf_type_id 
_struct_conf.id 
_struct_conf.pdbx_PDB_helix_id 
_struct_conf.beg_label_comp_id 
_struct_conf.beg_label_asym_id 
_struct_conf.beg_label_seq_id 
_struct_conf.pdbx_beg_PDB_ins_code 
_struct_conf.end_label_comp_id 
_struct_conf.end_label_asym_id 
_struct_conf.end_label_seq_id 
_struct_conf.pdbx_end_PDB_ins_code 
_struct_conf.beg_auth_comp_id 
_struct_conf.beg_auth_asym_id 
_struct_conf.beg_auth_seq_id 
_struct_conf.end_auth_comp_id 
_struct_conf.end_auth_asym_id 
_struct_conf.end_auth_seq_id 
_struct_conf.pdbx_PDB_helix_class 
_struct_conf.details 
_struct_conf.pdbx_PDB_helix_length 
HELX_P HELX_P1 1 SER A 6  ? ARG A 13 ? SER A 548 ARG A 555 1 ? 8  
HELX_P HELX_P2 2 CYS A 16 ? SER A 18 ? CYS A 558 SER A 560 5 ? 3  
HELX_P HELX_P3 3 CYS A 19 ? THR A 25 ? CYS A 561 THR A 567 1 ? 7  
HELX_P HELX_P4 4 THR A 30 ? GLU A 35 ? THR A 572 GLU A 577 1 ? 6  
HELX_P HELX_P5 5 SER A 38 ? LEU A 45 ? SER A 580 LEU A 587 1 ? 8  
HELX_P HELX_P6 6 PRO A 48 ? PHE A 68 ? PRO A 590 PHE A 610 1 ? 21 
# 
_struct_conf_type.id          HELX_P 
_struct_conf_type.criteria    ? 
_struct_conf_type.reference   ? 
# 
_struct_site.id                   AC1 
_struct_site.pdbx_evidence_code   Software 
_struct_site.pdbx_auth_asym_id    A 
_struct_site.pdbx_auth_comp_id    SO4 
_struct_site.pdbx_auth_seq_id     1612 
_struct_site.pdbx_auth_ins_code   ? 
_struct_site.pdbx_num_residues    11 
_struct_site.details              'BINDING SITE FOR RESIDUE SO4 A 1612' 
# 
loop_
_struct_site_gen.id 
_struct_site_gen.site_id 
_struct_site_gen.pdbx_num_res 
_struct_site_gen.label_comp_id 
_struct_site_gen.label_asym_id 
_struct_site_gen.label_seq_id 
_struct_site_gen.pdbx_auth_ins_code 
_struct_site_gen.auth_comp_id 
_struct_site_gen.auth_asym_id 
_struct_site_gen.auth_seq_id 
_struct_site_gen.label_atom_id 
_struct_site_gen.label_alt_id 
_struct_site_gen.symmetry 
_struct_site_gen.details 
1  AC1 11 CYS A 5  ? CYS A 547  . ? 2_564 ? 
2  AC1 11 SER A 6  ? SER A 548  . ? 2_564 ? 
3  AC1 11 SER A 9  ? SER A 551  . ? 2_564 ? 
4  AC1 11 TYR A 37 ? TYR A 579  . ? 1_555 ? 
5  AC1 11 SER A 38 ? SER A 580  . ? 1_555 ? 
6  AC1 11 TRP A 56 ? TRP A 598  . ? 1_555 ? 
7  AC1 11 ARG A 63 ? ARG A 605  . ? 1_555 ? 
8  AC1 11 HOH C .  ? HOH A 2046 . ? 1_555 ? 
9  AC1 11 HOH C .  ? HOH A 2079 . ? 1_555 ? 
10 AC1 11 HOH C .  ? HOH A 2080 . ? 1_555 ? 
11 AC1 11 HOH C .  ? HOH A 2081 . ? 1_555 ? 
# 
_pdbx_validate_rmsd_angle.id                         1 
_pdbx_validate_rmsd_angle.PDB_model_num              1 
_pdbx_validate_rmsd_angle.auth_atom_id_1             CG 
_pdbx_validate_rmsd_angle.auth_asym_id_1             A 
_pdbx_validate_rmsd_angle.auth_comp_id_1             MET 
_pdbx_validate_rmsd_angle.auth_seq_id_1              581 
_pdbx_validate_rmsd_angle.PDB_ins_code_1             ? 
_pdbx_validate_rmsd_angle.label_alt_id_1             ? 
_pdbx_validate_rmsd_angle.auth_atom_id_2             SD 
_pdbx_validate_rmsd_angle.auth_asym_id_2             A 
_pdbx_validate_rmsd_angle.auth_comp_id_2             MET 
_pdbx_validate_rmsd_angle.auth_seq_id_2              581 
_pdbx_validate_rmsd_angle.PDB_ins_code_2             ? 
_pdbx_validate_rmsd_angle.label_alt_id_2             ? 
_pdbx_validate_rmsd_angle.auth_atom_id_3             CE 
_pdbx_validate_rmsd_angle.auth_asym_id_3             A 
_pdbx_validate_rmsd_angle.auth_comp_id_3             MET 
_pdbx_validate_rmsd_angle.auth_seq_id_3              581 
_pdbx_validate_rmsd_angle.PDB_ins_code_3             ? 
_pdbx_validate_rmsd_angle.label_alt_id_3             ? 
_pdbx_validate_rmsd_angle.angle_value                86.99 
_pdbx_validate_rmsd_angle.angle_target_value         100.20 
_pdbx_validate_rmsd_angle.angle_deviation            -13.21 
_pdbx_validate_rmsd_angle.angle_standard_deviation   1.60 
_pdbx_validate_rmsd_angle.linker_flag                N 
# 
_pdbx_entry_details.entry_id                 2Y9U 
_pdbx_entry_details.compound_details         ? 
_pdbx_entry_details.source_details           ? 
_pdbx_entry_details.nonpolymer_details       ? 
_pdbx_entry_details.sequence_details         'GLY AND SER AND THE N-TERMINUS ARE FROM THE FUSION TAG' 
_pdbx_entry_details.has_ligand_of_interest   ? 
# 
loop_
_pdbx_unobs_or_zero_occ_residues.id 
_pdbx_unobs_or_zero_occ_residues.PDB_model_num 
_pdbx_unobs_or_zero_occ_residues.polymer_flag 
_pdbx_unobs_or_zero_occ_residues.occupancy_flag 
_pdbx_unobs_or_zero_occ_residues.auth_asym_id 
_pdbx_unobs_or_zero_occ_residues.auth_comp_id 
_pdbx_unobs_or_zero_occ_residues.auth_seq_id 
_pdbx_unobs_or_zero_occ_residues.PDB_ins_code 
_pdbx_unobs_or_zero_occ_residues.label_asym_id 
_pdbx_unobs_or_zero_occ_residues.label_comp_id 
_pdbx_unobs_or_zero_occ_residues.label_seq_id 
1 1 Y 1 A GLY 543 ? A GLY 1 
2 1 Y 1 A SER 544 ? A SER 2 
# 
loop_
_chem_comp_atom.comp_id 
_chem_comp_atom.atom_id 
_chem_comp_atom.type_symbol 
_chem_comp_atom.pdbx_aromatic_flag 
_chem_comp_atom.pdbx_stereo_config 
_chem_comp_atom.pdbx_ordinal 
ALA N    N N N 1   
ALA CA   C N S 2   
ALA C    C N N 3   
ALA O    O N N 4   
ALA CB   C N N 5   
ALA OXT  O N N 6   
ALA H    H N N 7   
ALA H2   H N N 8   
ALA HA   H N N 9   
ALA HB1  H N N 10  
ALA HB2  H N N 11  
ALA HB3  H N N 12  
ALA HXT  H N N 13  
ARG N    N N N 14  
ARG CA   C N S 15  
ARG C    C N N 16  
ARG O    O N N 17  
ARG CB   C N N 18  
ARG CG   C N N 19  
ARG CD   C N N 20  
ARG NE   N N N 21  
ARG CZ   C N N 22  
ARG NH1  N N N 23  
ARG NH2  N N N 24  
ARG OXT  O N N 25  
ARG H    H N N 26  
ARG H2   H N N 27  
ARG HA   H N N 28  
ARG HB2  H N N 29  
ARG HB3  H N N 30  
ARG HG2  H N N 31  
ARG HG3  H N N 32  
ARG HD2  H N N 33  
ARG HD3  H N N 34  
ARG HE   H N N 35  
ARG HH11 H N N 36  
ARG HH12 H N N 37  
ARG HH21 H N N 38  
ARG HH22 H N N 39  
ARG HXT  H N N 40  
ASP N    N N N 41  
ASP CA   C N S 42  
ASP C    C N N 43  
ASP O    O N N 44  
ASP CB   C N N 45  
ASP CG   C N N 46  
ASP OD1  O N N 47  
ASP OD2  O N N 48  
ASP OXT  O N N 49  
ASP H    H N N 50  
ASP H2   H N N 51  
ASP HA   H N N 52  
ASP HB2  H N N 53  
ASP HB3  H N N 54  
ASP HD2  H N N 55  
ASP HXT  H N N 56  
CYS N    N N N 57  
CYS CA   C N R 58  
CYS C    C N N 59  
CYS O    O N N 60  
CYS CB   C N N 61  
CYS SG   S N N 62  
CYS OXT  O N N 63  
CYS H    H N N 64  
CYS H2   H N N 65  
CYS HA   H N N 66  
CYS HB2  H N N 67  
CYS HB3  H N N 68  
CYS HG   H N N 69  
CYS HXT  H N N 70  
GLN N    N N N 71  
GLN CA   C N S 72  
GLN C    C N N 73  
GLN O    O N N 74  
GLN CB   C N N 75  
GLN CG   C N N 76  
GLN CD   C N N 77  
GLN OE1  O N N 78  
GLN NE2  N N N 79  
GLN OXT  O N N 80  
GLN H    H N N 81  
GLN H2   H N N 82  
GLN HA   H N N 83  
GLN HB2  H N N 84  
GLN HB3  H N N 85  
GLN HG2  H N N 86  
GLN HG3  H N N 87  
GLN HE21 H N N 88  
GLN HE22 H N N 89  
GLN HXT  H N N 90  
GLU N    N N N 91  
GLU CA   C N S 92  
GLU C    C N N 93  
GLU O    O N N 94  
GLU CB   C N N 95  
GLU CG   C N N 96  
GLU CD   C N N 97  
GLU OE1  O N N 98  
GLU OE2  O N N 99  
GLU OXT  O N N 100 
GLU H    H N N 101 
GLU H2   H N N 102 
GLU HA   H N N 103 
GLU HB2  H N N 104 
GLU HB3  H N N 105 
GLU HG2  H N N 106 
GLU HG3  H N N 107 
GLU HE2  H N N 108 
GLU HXT  H N N 109 
GLY N    N N N 110 
GLY CA   C N N 111 
GLY C    C N N 112 
GLY O    O N N 113 
GLY OXT  O N N 114 
GLY H    H N N 115 
GLY H2   H N N 116 
GLY HA2  H N N 117 
GLY HA3  H N N 118 
GLY HXT  H N N 119 
HIS N    N N N 120 
HIS CA   C N S 121 
HIS C    C N N 122 
HIS O    O N N 123 
HIS CB   C N N 124 
HIS CG   C Y N 125 
HIS ND1  N Y N 126 
HIS CD2  C Y N 127 
HIS CE1  C Y N 128 
HIS NE2  N Y N 129 
HIS OXT  O N N 130 
HIS H    H N N 131 
HIS H2   H N N 132 
HIS HA   H N N 133 
HIS HB2  H N N 134 
HIS HB3  H N N 135 
HIS HD1  H N N 136 
HIS HD2  H N N 137 
HIS HE1  H N N 138 
HIS HE2  H N N 139 
HIS HXT  H N N 140 
HOH O    O N N 141 
HOH H1   H N N 142 
HOH H2   H N N 143 
ILE N    N N N 144 
ILE CA   C N S 145 
ILE C    C N N 146 
ILE O    O N N 147 
ILE CB   C N S 148 
ILE CG1  C N N 149 
ILE CG2  C N N 150 
ILE CD1  C N N 151 
ILE OXT  O N N 152 
ILE H    H N N 153 
ILE H2   H N N 154 
ILE HA   H N N 155 
ILE HB   H N N 156 
ILE HG12 H N N 157 
ILE HG13 H N N 158 
ILE HG21 H N N 159 
ILE HG22 H N N 160 
ILE HG23 H N N 161 
ILE HD11 H N N 162 
ILE HD12 H N N 163 
ILE HD13 H N N 164 
ILE HXT  H N N 165 
LEU N    N N N 166 
LEU CA   C N S 167 
LEU C    C N N 168 
LEU O    O N N 169 
LEU CB   C N N 170 
LEU CG   C N N 171 
LEU CD1  C N N 172 
LEU CD2  C N N 173 
LEU OXT  O N N 174 
LEU H    H N N 175 
LEU H2   H N N 176 
LEU HA   H N N 177 
LEU HB2  H N N 178 
LEU HB3  H N N 179 
LEU HG   H N N 180 
LEU HD11 H N N 181 
LEU HD12 H N N 182 
LEU HD13 H N N 183 
LEU HD21 H N N 184 
LEU HD22 H N N 185 
LEU HD23 H N N 186 
LEU HXT  H N N 187 
LYS N    N N N 188 
LYS CA   C N S 189 
LYS C    C N N 190 
LYS O    O N N 191 
LYS CB   C N N 192 
LYS CG   C N N 193 
LYS CD   C N N 194 
LYS CE   C N N 195 
LYS NZ   N N N 196 
LYS OXT  O N N 197 
LYS H    H N N 198 
LYS H2   H N N 199 
LYS HA   H N N 200 
LYS HB2  H N N 201 
LYS HB3  H N N 202 
LYS HG2  H N N 203 
LYS HG3  H N N 204 
LYS HD2  H N N 205 
LYS HD3  H N N 206 
LYS HE2  H N N 207 
LYS HE3  H N N 208 
LYS HZ1  H N N 209 
LYS HZ2  H N N 210 
LYS HZ3  H N N 211 
LYS HXT  H N N 212 
MET N    N N N 213 
MET CA   C N S 214 
MET C    C N N 215 
MET O    O N N 216 
MET CB   C N N 217 
MET CG   C N N 218 
MET SD   S N N 219 
MET CE   C N N 220 
MET OXT  O N N 221 
MET H    H N N 222 
MET H2   H N N 223 
MET HA   H N N 224 
MET HB2  H N N 225 
MET HB3  H N N 226 
MET HG2  H N N 227 
MET HG3  H N N 228 
MET HE1  H N N 229 
MET HE2  H N N 230 
MET HE3  H N N 231 
MET HXT  H N N 232 
PHE N    N N N 233 
PHE CA   C N S 234 
PHE C    C N N 235 
PHE O    O N N 236 
PHE CB   C N N 237 
PHE CG   C Y N 238 
PHE CD1  C Y N 239 
PHE CD2  C Y N 240 
PHE CE1  C Y N 241 
PHE CE2  C Y N 242 
PHE CZ   C Y N 243 
PHE OXT  O N N 244 
PHE H    H N N 245 
PHE H2   H N N 246 
PHE HA   H N N 247 
PHE HB2  H N N 248 
PHE HB3  H N N 249 
PHE HD1  H N N 250 
PHE HD2  H N N 251 
PHE HE1  H N N 252 
PHE HE2  H N N 253 
PHE HZ   H N N 254 
PHE HXT  H N N 255 
PRO N    N N N 256 
PRO CA   C N S 257 
PRO C    C N N 258 
PRO O    O N N 259 
PRO CB   C N N 260 
PRO CG   C N N 261 
PRO CD   C N N 262 
PRO OXT  O N N 263 
PRO H    H N N 264 
PRO HA   H N N 265 
PRO HB2  H N N 266 
PRO HB3  H N N 267 
PRO HG2  H N N 268 
PRO HG3  H N N 269 
PRO HD2  H N N 270 
PRO HD3  H N N 271 
PRO HXT  H N N 272 
SER N    N N N 273 
SER CA   C N S 274 
SER C    C N N 275 
SER O    O N N 276 
SER CB   C N N 277 
SER OG   O N N 278 
SER OXT  O N N 279 
SER H    H N N 280 
SER H2   H N N 281 
SER HA   H N N 282 
SER HB2  H N N 283 
SER HB3  H N N 284 
SER HG   H N N 285 
SER HXT  H N N 286 
SO4 S    S N N 287 
SO4 O1   O N N 288 
SO4 O2   O N N 289 
SO4 O3   O N N 290 
SO4 O4   O N N 291 
THR N    N N N 292 
THR CA   C N S 293 
THR C    C N N 294 
THR O    O N N 295 
THR CB   C N R 296 
THR OG1  O N N 297 
THR CG2  C N N 298 
THR OXT  O N N 299 
THR H    H N N 300 
THR H2   H N N 301 
THR HA   H N N 302 
THR HB   H N N 303 
THR HG1  H N N 304 
THR HG21 H N N 305 
THR HG22 H N N 306 
THR HG23 H N N 307 
THR HXT  H N N 308 
TRP N    N N N 309 
TRP CA   C N S 310 
TRP C    C N N 311 
TRP O    O N N 312 
TRP CB   C N N 313 
TRP CG   C Y N 314 
TRP CD1  C Y N 315 
TRP CD2  C Y N 316 
TRP NE1  N Y N 317 
TRP CE2  C Y N 318 
TRP CE3  C Y N 319 
TRP CZ2  C Y N 320 
TRP CZ3  C Y N 321 
TRP CH2  C Y N 322 
TRP OXT  O N N 323 
TRP H    H N N 324 
TRP H2   H N N 325 
TRP HA   H N N 326 
TRP HB2  H N N 327 
TRP HB3  H N N 328 
TRP HD1  H N N 329 
TRP HE1  H N N 330 
TRP HE3  H N N 331 
TRP HZ2  H N N 332 
TRP HZ3  H N N 333 
TRP HH2  H N N 334 
TRP HXT  H N N 335 
TYR N    N N N 336 
TYR CA   C N S 337 
TYR C    C N N 338 
TYR O    O N N 339 
TYR CB   C N N 340 
TYR CG   C Y N 341 
TYR CD1  C Y N 342 
TYR CD2  C Y N 343 
TYR CE1  C Y N 344 
TYR CE2  C Y N 345 
TYR CZ   C Y N 346 
TYR OH   O N N 347 
TYR OXT  O N N 348 
TYR H    H N N 349 
TYR H2   H N N 350 
TYR HA   H N N 351 
TYR HB2  H N N 352 
TYR HB3  H N N 353 
TYR HD1  H N N 354 
TYR HD2  H N N 355 
TYR HE1  H N N 356 
TYR HE2  H N N 357 
TYR HH   H N N 358 
TYR HXT  H N N 359 
VAL N    N N N 360 
VAL CA   C N S 361 
VAL C    C N N 362 
VAL O    O N N 363 
VAL CB   C N N 364 
VAL CG1  C N N 365 
VAL CG2  C N N 366 
VAL OXT  O N N 367 
VAL H    H N N 368 
VAL H2   H N N 369 
VAL HA   H N N 370 
VAL HB   H N N 371 
VAL HG11 H N N 372 
VAL HG12 H N N 373 
VAL HG13 H N N 374 
VAL HG21 H N N 375 
VAL HG22 H N N 376 
VAL HG23 H N N 377 
VAL HXT  H N N 378 
# 
loop_
_chem_comp_bond.comp_id 
_chem_comp_bond.atom_id_1 
_chem_comp_bond.atom_id_2 
_chem_comp_bond.value_order 
_chem_comp_bond.pdbx_aromatic_flag 
_chem_comp_bond.pdbx_stereo_config 
_chem_comp_bond.pdbx_ordinal 
ALA N   CA   sing N N 1   
ALA N   H    sing N N 2   
ALA N   H2   sing N N 3   
ALA CA  C    sing N N 4   
ALA CA  CB   sing N N 5   
ALA CA  HA   sing N N 6   
ALA C   O    doub N N 7   
ALA C   OXT  sing N N 8   
ALA CB  HB1  sing N N 9   
ALA CB  HB2  sing N N 10  
ALA CB  HB3  sing N N 11  
ALA OXT HXT  sing N N 12  
ARG N   CA   sing N N 13  
ARG N   H    sing N N 14  
ARG N   H2   sing N N 15  
ARG CA  C    sing N N 16  
ARG CA  CB   sing N N 17  
ARG CA  HA   sing N N 18  
ARG C   O    doub N N 19  
ARG C   OXT  sing N N 20  
ARG CB  CG   sing N N 21  
ARG CB  HB2  sing N N 22  
ARG CB  HB3  sing N N 23  
ARG CG  CD   sing N N 24  
ARG CG  HG2  sing N N 25  
ARG CG  HG3  sing N N 26  
ARG CD  NE   sing N N 27  
ARG CD  HD2  sing N N 28  
ARG CD  HD3  sing N N 29  
ARG NE  CZ   sing N N 30  
ARG NE  HE   sing N N 31  
ARG CZ  NH1  sing N N 32  
ARG CZ  NH2  doub N N 33  
ARG NH1 HH11 sing N N 34  
ARG NH1 HH12 sing N N 35  
ARG NH2 HH21 sing N N 36  
ARG NH2 HH22 sing N N 37  
ARG OXT HXT  sing N N 38  
ASP N   CA   sing N N 39  
ASP N   H    sing N N 40  
ASP N   H2   sing N N 41  
ASP CA  C    sing N N 42  
ASP CA  CB   sing N N 43  
ASP CA  HA   sing N N 44  
ASP C   O    doub N N 45  
ASP C   OXT  sing N N 46  
ASP CB  CG   sing N N 47  
ASP CB  HB2  sing N N 48  
ASP CB  HB3  sing N N 49  
ASP CG  OD1  doub N N 50  
ASP CG  OD2  sing N N 51  
ASP OD2 HD2  sing N N 52  
ASP OXT HXT  sing N N 53  
CYS N   CA   sing N N 54  
CYS N   H    sing N N 55  
CYS N   H2   sing N N 56  
CYS CA  C    sing N N 57  
CYS CA  CB   sing N N 58  
CYS CA  HA   sing N N 59  
CYS C   O    doub N N 60  
CYS C   OXT  sing N N 61  
CYS CB  SG   sing N N 62  
CYS CB  HB2  sing N N 63  
CYS CB  HB3  sing N N 64  
CYS SG  HG   sing N N 65  
CYS OXT HXT  sing N N 66  
GLN N   CA   sing N N 67  
GLN N   H    sing N N 68  
GLN N   H2   sing N N 69  
GLN CA  C    sing N N 70  
GLN CA  CB   sing N N 71  
GLN CA  HA   sing N N 72  
GLN C   O    doub N N 73  
GLN C   OXT  sing N N 74  
GLN CB  CG   sing N N 75  
GLN CB  HB2  sing N N 76  
GLN CB  HB3  sing N N 77  
GLN CG  CD   sing N N 78  
GLN CG  HG2  sing N N 79  
GLN CG  HG3  sing N N 80  
GLN CD  OE1  doub N N 81  
GLN CD  NE2  sing N N 82  
GLN NE2 HE21 sing N N 83  
GLN NE2 HE22 sing N N 84  
GLN OXT HXT  sing N N 85  
GLU N   CA   sing N N 86  
GLU N   H    sing N N 87  
GLU N   H2   sing N N 88  
GLU CA  C    sing N N 89  
GLU CA  CB   sing N N 90  
GLU CA  HA   sing N N 91  
GLU C   O    doub N N 92  
GLU C   OXT  sing N N 93  
GLU CB  CG   sing N N 94  
GLU CB  HB2  sing N N 95  
GLU CB  HB3  sing N N 96  
GLU CG  CD   sing N N 97  
GLU CG  HG2  sing N N 98  
GLU CG  HG3  sing N N 99  
GLU CD  OE1  doub N N 100 
GLU CD  OE2  sing N N 101 
GLU OE2 HE2  sing N N 102 
GLU OXT HXT  sing N N 103 
GLY N   CA   sing N N 104 
GLY N   H    sing N N 105 
GLY N   H2   sing N N 106 
GLY CA  C    sing N N 107 
GLY CA  HA2  sing N N 108 
GLY CA  HA3  sing N N 109 
GLY C   O    doub N N 110 
GLY C   OXT  sing N N 111 
GLY OXT HXT  sing N N 112 
HIS N   CA   sing N N 113 
HIS N   H    sing N N 114 
HIS N   H2   sing N N 115 
HIS CA  C    sing N N 116 
HIS CA  CB   sing N N 117 
HIS CA  HA   sing N N 118 
HIS C   O    doub N N 119 
HIS C   OXT  sing N N 120 
HIS CB  CG   sing N N 121 
HIS CB  HB2  sing N N 122 
HIS CB  HB3  sing N N 123 
HIS CG  ND1  sing Y N 124 
HIS CG  CD2  doub Y N 125 
HIS ND1 CE1  doub Y N 126 
HIS ND1 HD1  sing N N 127 
HIS CD2 NE2  sing Y N 128 
HIS CD2 HD2  sing N N 129 
HIS CE1 NE2  sing Y N 130 
HIS CE1 HE1  sing N N 131 
HIS NE2 HE2  sing N N 132 
HIS OXT HXT  sing N N 133 
HOH O   H1   sing N N 134 
HOH O   H2   sing N N 135 
ILE N   CA   sing N N 136 
ILE N   H    sing N N 137 
ILE N   H2   sing N N 138 
ILE CA  C    sing N N 139 
ILE CA  CB   sing N N 140 
ILE CA  HA   sing N N 141 
ILE C   O    doub N N 142 
ILE C   OXT  sing N N 143 
ILE CB  CG1  sing N N 144 
ILE CB  CG2  sing N N 145 
ILE CB  HB   sing N N 146 
ILE CG1 CD1  sing N N 147 
ILE CG1 HG12 sing N N 148 
ILE CG1 HG13 sing N N 149 
ILE CG2 HG21 sing N N 150 
ILE CG2 HG22 sing N N 151 
ILE CG2 HG23 sing N N 152 
ILE CD1 HD11 sing N N 153 
ILE CD1 HD12 sing N N 154 
ILE CD1 HD13 sing N N 155 
ILE OXT HXT  sing N N 156 
LEU N   CA   sing N N 157 
LEU N   H    sing N N 158 
LEU N   H2   sing N N 159 
LEU CA  C    sing N N 160 
LEU CA  CB   sing N N 161 
LEU CA  HA   sing N N 162 
LEU C   O    doub N N 163 
LEU C   OXT  sing N N 164 
LEU CB  CG   sing N N 165 
LEU CB  HB2  sing N N 166 
LEU CB  HB3  sing N N 167 
LEU CG  CD1  sing N N 168 
LEU CG  CD2  sing N N 169 
LEU CG  HG   sing N N 170 
LEU CD1 HD11 sing N N 171 
LEU CD1 HD12 sing N N 172 
LEU CD1 HD13 sing N N 173 
LEU CD2 HD21 sing N N 174 
LEU CD2 HD22 sing N N 175 
LEU CD2 HD23 sing N N 176 
LEU OXT HXT  sing N N 177 
LYS N   CA   sing N N 178 
LYS N   H    sing N N 179 
LYS N   H2   sing N N 180 
LYS CA  C    sing N N 181 
LYS CA  CB   sing N N 182 
LYS CA  HA   sing N N 183 
LYS C   O    doub N N 184 
LYS C   OXT  sing N N 185 
LYS CB  CG   sing N N 186 
LYS CB  HB2  sing N N 187 
LYS CB  HB3  sing N N 188 
LYS CG  CD   sing N N 189 
LYS CG  HG2  sing N N 190 
LYS CG  HG3  sing N N 191 
LYS CD  CE   sing N N 192 
LYS CD  HD2  sing N N 193 
LYS CD  HD3  sing N N 194 
LYS CE  NZ   sing N N 195 
LYS CE  HE2  sing N N 196 
LYS CE  HE3  sing N N 197 
LYS NZ  HZ1  sing N N 198 
LYS NZ  HZ2  sing N N 199 
LYS NZ  HZ3  sing N N 200 
LYS OXT HXT  sing N N 201 
MET N   CA   sing N N 202 
MET N   H    sing N N 203 
MET N   H2   sing N N 204 
MET CA  C    sing N N 205 
MET CA  CB   sing N N 206 
MET CA  HA   sing N N 207 
MET C   O    doub N N 208 
MET C   OXT  sing N N 209 
MET CB  CG   sing N N 210 
MET CB  HB2  sing N N 211 
MET CB  HB3  sing N N 212 
MET CG  SD   sing N N 213 
MET CG  HG2  sing N N 214 
MET CG  HG3  sing N N 215 
MET SD  CE   sing N N 216 
MET CE  HE1  sing N N 217 
MET CE  HE2  sing N N 218 
MET CE  HE3  sing N N 219 
MET OXT HXT  sing N N 220 
PHE N   CA   sing N N 221 
PHE N   H    sing N N 222 
PHE N   H2   sing N N 223 
PHE CA  C    sing N N 224 
PHE CA  CB   sing N N 225 
PHE CA  HA   sing N N 226 
PHE C   O    doub N N 227 
PHE C   OXT  sing N N 228 
PHE CB  CG   sing N N 229 
PHE CB  HB2  sing N N 230 
PHE CB  HB3  sing N N 231 
PHE CG  CD1  doub Y N 232 
PHE CG  CD2  sing Y N 233 
PHE CD1 CE1  sing Y N 234 
PHE CD1 HD1  sing N N 235 
PHE CD2 CE2  doub Y N 236 
PHE CD2 HD2  sing N N 237 
PHE CE1 CZ   doub Y N 238 
PHE CE1 HE1  sing N N 239 
PHE CE2 CZ   sing Y N 240 
PHE CE2 HE2  sing N N 241 
PHE CZ  HZ   sing N N 242 
PHE OXT HXT  sing N N 243 
PRO N   CA   sing N N 244 
PRO N   CD   sing N N 245 
PRO N   H    sing N N 246 
PRO CA  C    sing N N 247 
PRO CA  CB   sing N N 248 
PRO CA  HA   sing N N 249 
PRO C   O    doub N N 250 
PRO C   OXT  sing N N 251 
PRO CB  CG   sing N N 252 
PRO CB  HB2  sing N N 253 
PRO CB  HB3  sing N N 254 
PRO CG  CD   sing N N 255 
PRO CG  HG2  sing N N 256 
PRO CG  HG3  sing N N 257 
PRO CD  HD2  sing N N 258 
PRO CD  HD3  sing N N 259 
PRO OXT HXT  sing N N 260 
SER N   CA   sing N N 261 
SER N   H    sing N N 262 
SER N   H2   sing N N 263 
SER CA  C    sing N N 264 
SER CA  CB   sing N N 265 
SER CA  HA   sing N N 266 
SER C   O    doub N N 267 
SER C   OXT  sing N N 268 
SER CB  OG   sing N N 269 
SER CB  HB2  sing N N 270 
SER CB  HB3  sing N N 271 
SER OG  HG   sing N N 272 
SER OXT HXT  sing N N 273 
SO4 S   O1   doub N N 274 
SO4 S   O2   doub N N 275 
SO4 S   O3   sing N N 276 
SO4 S   O4   sing N N 277 
THR N   CA   sing N N 278 
THR N   H    sing N N 279 
THR N   H2   sing N N 280 
THR CA  C    sing N N 281 
THR CA  CB   sing N N 282 
THR CA  HA   sing N N 283 
THR C   O    doub N N 284 
THR C   OXT  sing N N 285 
THR CB  OG1  sing N N 286 
THR CB  CG2  sing N N 287 
THR CB  HB   sing N N 288 
THR OG1 HG1  sing N N 289 
THR CG2 HG21 sing N N 290 
THR CG2 HG22 sing N N 291 
THR CG2 HG23 sing N N 292 
THR OXT HXT  sing N N 293 
TRP N   CA   sing N N 294 
TRP N   H    sing N N 295 
TRP N   H2   sing N N 296 
TRP CA  C    sing N N 297 
TRP CA  CB   sing N N 298 
TRP CA  HA   sing N N 299 
TRP C   O    doub N N 300 
TRP C   OXT  sing N N 301 
TRP CB  CG   sing N N 302 
TRP CB  HB2  sing N N 303 
TRP CB  HB3  sing N N 304 
TRP CG  CD1  doub Y N 305 
TRP CG  CD2  sing Y N 306 
TRP CD1 NE1  sing Y N 307 
TRP CD1 HD1  sing N N 308 
TRP CD2 CE2  doub Y N 309 
TRP CD2 CE3  sing Y N 310 
TRP NE1 CE2  sing Y N 311 
TRP NE1 HE1  sing N N 312 
TRP CE2 CZ2  sing Y N 313 
TRP CE3 CZ3  doub Y N 314 
TRP CE3 HE3  sing N N 315 
TRP CZ2 CH2  doub Y N 316 
TRP CZ2 HZ2  sing N N 317 
TRP CZ3 CH2  sing Y N 318 
TRP CZ3 HZ3  sing N N 319 
TRP CH2 HH2  sing N N 320 
TRP OXT HXT  sing N N 321 
TYR N   CA   sing N N 322 
TYR N   H    sing N N 323 
TYR N   H2   sing N N 324 
TYR CA  C    sing N N 325 
TYR CA  CB   sing N N 326 
TYR CA  HA   sing N N 327 
TYR C   O    doub N N 328 
TYR C   OXT  sing N N 329 
TYR CB  CG   sing N N 330 
TYR CB  HB2  sing N N 331 
TYR CB  HB3  sing N N 332 
TYR CG  CD1  doub Y N 333 
TYR CG  CD2  sing Y N 334 
TYR CD1 CE1  sing Y N 335 
TYR CD1 HD1  sing N N 336 
TYR CD2 CE2  doub Y N 337 
TYR CD2 HD2  sing N N 338 
TYR CE1 CZ   doub Y N 339 
TYR CE1 HE1  sing N N 340 
TYR CE2 CZ   sing Y N 341 
TYR CE2 HE2  sing N N 342 
TYR CZ  OH   sing N N 343 
TYR OH  HH   sing N N 344 
TYR OXT HXT  sing N N 345 
VAL N   CA   sing N N 346 
VAL N   H    sing N N 347 
VAL N   H2   sing N N 348 
VAL CA  C    sing N N 349 
VAL CA  CB   sing N N 350 
VAL CA  HA   sing N N 351 
VAL C   O    doub N N 352 
VAL C   OXT  sing N N 353 
VAL CB  CG1  sing N N 354 
VAL CB  CG2  sing N N 355 
VAL CB  HB   sing N N 356 
VAL CG1 HG11 sing N N 357 
VAL CG1 HG12 sing N N 358 
VAL CG1 HG13 sing N N 359 
VAL CG2 HG21 sing N N 360 
VAL CG2 HG22 sing N N 361 
VAL CG2 HG23 sing N N 362 
VAL OXT HXT  sing N N 363 
# 
_atom_sites.entry_id                    2Y9U 
_atom_sites.fract_transf_matrix[1][1]   0.02174654 
_atom_sites.fract_transf_matrix[1][2]   -0.00898669 
_atom_sites.fract_transf_matrix[1][3]   0.01674805 
_atom_sites.fract_transf_matrix[2][1]   -0.01593704 
_atom_sites.fract_transf_matrix[2][2]   -0.01720723 
_atom_sites.fract_transf_matrix[2][3]   0.01146040 
_atom_sites.fract_transf_matrix[3][1]   0.00551805 
_atom_sites.fract_transf_matrix[3][2]   -0.01537868 
_atom_sites.fract_transf_matrix[3][3]   -0.01541683 
_atom_sites.fract_transf_vector[1]      0.232908 
_atom_sites.fract_transf_vector[2]      0.374590 
_atom_sites.fract_transf_vector[3]      0.300601 
# 
loop_
_atom_type.symbol 
C 
N 
O 
S 
# 
loop_
_atom_site.group_PDB 
_atom_site.id 
_atom_site.type_symbol 
_atom_site.label_atom_id 
_atom_site.label_alt_id 
_atom_site.label_comp_id 
_atom_site.label_asym_id 
_atom_site.label_entity_id 
_atom_site.label_seq_id 
_atom_site.pdbx_PDB_ins_code 
_atom_site.Cartn_x 
_atom_site.Cartn_y 
_atom_site.Cartn_z 
_atom_site.occupancy 
_atom_site.B_iso_or_equiv 
_atom_site.pdbx_formal_charge 
_atom_site.auth_seq_id 
_atom_site.auth_comp_id 
_atom_site.auth_asym_id 
_atom_site.auth_atom_id 
_atom_site.pdbx_PDB_model_num 
ATOM   1   N N   . THR A 1 3  ? -7.200  -12.245 1.416   1.00 31.53 ? 545  THR A N   1 
ATOM   2   C CA  . THR A 1 3  ? -6.028  -12.894 0.841   1.00 25.33 ? 545  THR A CA  1 
ATOM   3   C C   . THR A 1 3  ? -4.906  -11.897 0.550   1.00 21.76 ? 545  THR A C   1 
ATOM   4   O O   . THR A 1 3  ? -5.132  -10.688 0.471   1.00 24.10 ? 545  THR A O   1 
ATOM   5   C CB  . THR A 1 3  ? -6.376  -13.619 -0.478  1.00 23.62 ? 545  THR A CB  1 
ATOM   6   O OG1 . THR A 1 3  ? -6.761  -12.661 -1.474  1.00 26.22 ? 545  THR A OG1 1 
ATOM   7   C CG2 . THR A 1 3  ? -7.504  -14.612 -0.273  1.00 26.29 ? 545  THR A CG2 1 
ATOM   8   N N   . ASP A 1 4  ? -3.699  -12.426 0.380   1.00 19.45 ? 546  ASP A N   1 
ATOM   9   C CA  . ASP A 1 4  ? -2.560  -11.658 -0.090  1.00 15.84 ? 546  ASP A CA  1 
ATOM   10  C C   . ASP A 1 4  ? -2.817  -11.297 -1.556  1.00 15.49 ? 546  ASP A C   1 
ATOM   11  O O   . ASP A 1 4  ? -3.632  -11.927 -2.235  1.00 17.92 ? 546  ASP A O   1 
ATOM   12  C CB  . ASP A 1 4  ? -1.272  -12.503 0.028   1.00 16.61 ? 546  ASP A CB  1 
ATOM   13  C CG  . ASP A 1 4  ? -0.021  -11.667 0.109   1.00 15.21 ? 546  ASP A CG  1 
ATOM   14  O OD1 . ASP A 1 4  ? -0.115  -10.422 0.000   1.00 14.89 ? 546  ASP A OD1 1 
ATOM   15  O OD2 . ASP A 1 4  ? 1.074   -12.247 0.275   1.00 17.02 ? 546  ASP A OD2 1 
ATOM   16  N N   . CYS A 1 5  ? -2.134  -10.266 -2.031  1.00 13.81 ? 547  CYS A N   1 
ATOM   17  C CA  . CYS A 1 5  ? -2.232  -9.862  -3.425  1.00 13.78 ? 547  CYS A CA  1 
ATOM   18  C C   . CYS A 1 5  ? -1.022  -9.020  -3.773  1.00 14.23 ? 547  CYS A C   1 
ATOM   19  O O   . CYS A 1 5  ? -0.294  -8.554  -2.889  1.00 15.48 ? 547  CYS A O   1 
ATOM   20  C CB  . CYS A 1 5  ? -3.533  -9.092  -3.679  1.00 16.29 ? 547  CYS A CB  1 
ATOM   21  S SG  . CYS A 1 5  ? -3.556  -7.388  -3.033  1.00 16.59 ? 547  CYS A SG  1 
ATOM   22  N N   . SER A 1 6  ? -0.784  -8.797  -5.059  1.00 12.79 ? 548  SER A N   1 
ATOM   23  C CA  . SER A 1 6  ? 0.375   -7.996  -5.419  1.00 11.30 ? 548  SER A CA  1 
ATOM   24  C C   . SER A 1 6  ? 0.120   -6.527  -5.162  1.00 10.58 ? 548  SER A C   1 
ATOM   25  O O   . SER A 1 6  ? -1.020  -6.046  -5.240  1.00 11.75 ? 548  SER A O   1 
ATOM   26  C CB  . SER A 1 6  ? 0.771   -8.192  -6.885  1.00 15.80 ? 548  SER A CB  1 
ATOM   27  O OG  . SER A 1 6  ? -0.216  -7.669  -7.754  1.00 13.56 ? 548  SER A OG  1 
ATOM   28  N N   . ILE A 1 7  ? 1.191   -5.812  -4.857  1.00 11.10 ? 549  ILE A N   1 
ATOM   29  C CA  . ILE A 1 7  ? 1.084   -4.363  -4.711  1.00 9.77  ? 549  ILE A CA  1 
ATOM   30  C C   . ILE A 1 7  ? 0.654   -3.727  -6.039  1.00 11.49 ? 549  ILE A C   1 
ATOM   31  O O   . ILE A 1 7  ? -0.074  -2.719  -6.032  1.00 11.82 ? 549  ILE A O   1 
ATOM   32  C CB  . ILE A 1 7  ? 2.399   -3.760  -4.162  1.00 11.02 ? 549  ILE A CB  1 
ATOM   33  C CG1 . ILE A 1 7  ? 2.575   -4.179  -2.699  1.00 11.69 ? 549  ILE A CG1 1 
ATOM   34  C CG2 . ILE A 1 7  ? 2.402   -2.240  -4.276  1.00 11.57 ? 549  ILE A CG2 1 
ATOM   35  C CD1 . ILE A 1 7  ? 3.923   -3.777  -2.133  1.00 13.34 ? 549  ILE A CD1 1 
ATOM   36  N N   . VAL A 1 8  ? 1.067   -4.307  -7.168  1.00 11.79 ? 550  VAL A N   1 
ATOM   37  C CA  . VAL A 1 8  ? 0.578   -3.862  -8.486  1.00 10.16 ? 550  VAL A CA  1 
ATOM   38  C C   . VAL A 1 8  ? -0.950  -3.850  -8.520  1.00 10.86 ? 550  VAL A C   1 
ATOM   39  O O   . VAL A 1 8  ? -1.587  -2.843  -8.830  1.00 13.46 ? 550  VAL A O   1 
ATOM   40  C CB  . VAL A 1 8  ? 1.090   -4.752  -9.631  1.00 13.27 ? 550  VAL A CB  1 
ATOM   41  C CG1 . VAL A 1 8  ? 0.469   -4.320  -10.960 1.00 17.76 ? 550  VAL A CG1 1 
ATOM   42  C CG2 . VAL A 1 8  ? 2.609   -4.695  -9.708  1.00 14.70 ? 550  VAL A CG2 1 
ATOM   43  N N   . SER A 1 9  ? -1.557  -4.966  -8.155  1.00 11.68 ? 551  SER A N   1 
ATOM   44  C CA  . SER A 1 9  ? -3.009  -5.073  -8.167  1.00 10.42 ? 551  SER A CA  1 
ATOM   45  C C   . SER A 1 9  ? -3.686  -4.143  -7.166  1.00 12.85 ? 551  SER A C   1 
ATOM   46  O O   . SER A 1 9  ? -4.704  -3.521  -7.466  1.00 12.83 ? 551  SER A O   1 
ATOM   47  C CB  . SER A 1 9  ? -3.416  -6.532  -7.920  1.00 11.97 ? 551  SER A CB  1 
ATOM   48  O OG  . SER A 1 9  ? -2.969  -7.350  -8.996  1.00 15.22 ? 551  SER A OG  1 
ATOM   49  N N   . PHE A 1 10 ? -3.101  -4.064  -5.973  1.00 11.62 ? 552  PHE A N   1 
ATOM   50  C CA  . PHE A 1 10 ? -3.606  -3.255  -4.886  1.00 13.75 ? 552  PHE A CA  1 
ATOM   51  C C   . PHE A 1 10 ? -3.643  -1.772  -5.255  1.00 12.23 ? 552  PHE A C   1 
ATOM   52  O O   . PHE A 1 10 ? -4.664  -1.114  -5.070  1.00 12.55 ? 552  PHE A O   1 
ATOM   53  C CB  . PHE A 1 10 ? -2.716  -3.506  -3.666  1.00 11.60 ? 552  PHE A CB  1 
ATOM   54  C CG  . PHE A 1 10 ? -2.961  -2.565  -2.523  1.00 10.93 ? 552  PHE A CG  1 
ATOM   55  C CD1 . PHE A 1 10 ? -4.095  -2.686  -1.736  1.00 14.82 ? 552  PHE A CD1 1 
ATOM   56  C CD2 . PHE A 1 10 ? -2.030  -1.599  -2.203  1.00 11.97 ? 552  PHE A CD2 1 
ATOM   57  C CE1 . PHE A 1 10 ? -4.299  -1.820  -0.672  1.00 14.28 ? 552  PHE A CE1 1 
ATOM   58  C CE2 . PHE A 1 10 ? -2.236  -0.735  -1.129  1.00 12.60 ? 552  PHE A CE2 1 
ATOM   59  C CZ  . PHE A 1 10 ? -3.368  -0.853  -0.370  1.00 13.71 ? 552  PHE A CZ  1 
ATOM   60  N N   . LEU A 1 11 ? -2.540  -1.261  -5.795  1.00 11.30 ? 553  LEU A N   1 
ATOM   61  C CA  . LEU A 1 11 ? -2.457  0.161   -6.111  1.00 11.53 ? 553  LEU A CA  1 
ATOM   62  C C   . LEU A 1 11 ? -3.384  0.515   -7.256  1.00 10.19 ? 553  LEU A C   1 
ATOM   63  O O   . LEU A 1 11 ? -3.963  1.606   -7.280  1.00 13.10 ? 553  LEU A O   1 
ATOM   64  C CB  . LEU A 1 11 ? -1.019  0.560   -6.464  1.00 12.31 ? 553  LEU A CB  1 
ATOM   65  C CG  . LEU A 1 11 ? 0.003   0.548   -5.314  1.00 12.09 ? 553  LEU A CG  1 
ATOM   66  C CD1 . LEU A 1 11 ? 1.402   0.882   -5.828  1.00 12.66 ? 553  LEU A CD1 1 
ATOM   67  C CD2 . LEU A 1 11 ? -0.373  1.468   -4.148  1.00 10.07 ? 553  LEU A CD2 1 
ATOM   68  N N   . ALA A 1 12 ? -3.532  -0.408  -8.193  1.00 12.84 ? 554  ALA A N   1 
ATOM   69  C CA  . ALA A 1 12 ? -4.345  -0.173  -9.368  1.00 12.80 ? 554  ALA A CA  1 
ATOM   70  C C   . ALA A 1 12 ? -5.799  0.065   -8.952  1.00 14.70 ? 554  ALA A C   1 
ATOM   71  O O   . ALA A 1 12 ? -6.491  0.908   -9.537  1.00 16.58 ? 554  ALA A O   1 
ATOM   72  C CB  . ALA A 1 12 ? -4.222  -1.359  -10.332 1.00 13.89 ? 554  ALA A CB  1 
ATOM   73  N N   . ARG A 1 13 ? -6.241  -0.643  -7.917  1.00 12.29 ? 555  ARG A N   1 
ATOM   74  C CA  . ARG A 1 13 ? -7.596  -0.483  -7.414  1.00 14.89 ? 555  ARG A CA  1 
ATOM   75  C C   . ARG A 1 13 ? -7.815  0.877   -6.765  1.00 15.02 ? 555  ARG A C   1 
ATOM   76  O O   . ARG A 1 13 ? -8.959  1.302   -6.578  1.00 18.95 ? 555  ARG A O   1 
ATOM   77  C CB  . ARG A 1 13 ? -7.953  -1.605  -6.422  1.00 14.89 ? 555  ARG A CB  1 
ATOM   78  C CG  . ARG A 1 13 ? -8.072  -2.971  -7.067  1.00 18.22 ? 555  ARG A CG  1 
ATOM   79  C CD  . ARG A 1 13 ? -8.632  -4.031  -6.107  1.00 19.86 ? 555  ARG A CD  1 
ATOM   80  N NE  . ARG A 1 13 ? -7.776  -4.288  -4.952  1.00 21.95 ? 555  ARG A NE  1 
ATOM   81  C CZ  . ARG A 1 13 ? -6.932  -5.318  -4.833  1.00 22.61 ? 555  ARG A CZ  1 
ATOM   82  N NH1 . ARG A 1 13 ? -6.781  -6.203  -5.809  1.00 22.20 ? 555  ARG A NH1 1 
ATOM   83  N NH2 . ARG A 1 13 ? -6.217  -5.453  -3.722  1.00 25.50 ? 555  ARG A NH2 1 
ATOM   84  N N   . LEU A 1 14 ? -6.726  1.536   -6.371  1.00 13.75 ? 556  LEU A N   1 
ATOM   85  C CA  . LEU A 1 14 ? -6.825  2.820   -5.688  1.00 13.42 ? 556  LEU A CA  1 
ATOM   86  C C   . LEU A 1 14 ? -6.491  4.002   -6.592  1.00 14.44 ? 556  LEU A C   1 
ATOM   87  O O   . LEU A 1 14 ? -6.568  5.141   -6.158  1.00 15.31 ? 556  LEU A O   1 
ATOM   88  C CB  . LEU A 1 14 ? -5.900  2.863   -4.463  1.00 11.64 ? 556  LEU A CB  1 
ATOM   89  C CG  . LEU A 1 14 ? -5.941  1.679   -3.497  1.00 14.09 ? 556  LEU A CG  1 
ATOM   90  C CD1 . LEU A 1 14 ? -4.896  1.876   -2.395  1.00 12.79 ? 556  LEU A CD1 1 
ATOM   91  C CD2 . LEU A 1 14 ? -7.326  1.588   -2.892  1.00 14.07 ? 556  LEU A CD2 1 
ATOM   92  N N   . GLY A 1 15 ? -6.122  3.728   -7.837  1.00 13.30 ? 557  GLY A N   1 
ATOM   93  C CA  . GLY A 1 15 ? -5.714  4.790   -8.744  1.00 16.02 ? 557  GLY A CA  1 
ATOM   94  C C   . GLY A 1 15 ? -4.347  5.345   -8.385  1.00 16.06 ? 557  GLY A C   1 
ATOM   95  O O   . GLY A 1 15 ? -4.000  6.469   -8.753  1.00 15.79 ? 557  GLY A O   1 
ATOM   96  N N   . CYS A 1 16 ? -3.544  4.524   -7.717  1.00 11.33 ? 558  CYS A N   1 
ATOM   97  C CA  . CYS A 1 16 ? -2.231  4.942   -7.240  1.00 9.97  ? 558  CYS A CA  1 
ATOM   98  C C   . CYS A 1 16 ? -1.086  4.165   -7.901  1.00 12.61 ? 558  CYS A C   1 
ATOM   99  O O   . CYS A 1 16 ? -0.010  4.024   -7.320  1.00 11.89 ? 558  CYS A O   1 
ATOM   100 C CB  . CYS A 1 16 ? -2.162  4.768   -5.704  1.00 10.60 ? 558  CYS A CB  1 
ATOM   101 S SG  . CYS A 1 16 ? -3.179  5.895   -4.807  1.00 12.98 ? 558  CYS A SG  1 
ATOM   102 N N   . SER A 1 17 ? -1.310  3.678   -9.122  1.00 12.40 ? 559  SER A N   1 
ATOM   103 C CA  . SER A 1 17 ? -0.300  2.857   -9.806  1.00 12.73 ? 559  SER A CA  1 
ATOM   104 C C   . SER A 1 17 ? 1.026   3.587   -10.024 1.00 13.39 ? 559  SER A C   1 
ATOM   105 O O   . SER A 1 17 ? 2.092   2.962   -10.086 1.00 15.70 ? 559  SER A O   1 
ATOM   106 C CB  . SER A 1 17 ? -0.840  2.310   -11.135 1.00 11.66 ? 559  SER A CB  1 
ATOM   107 O OG  . SER A 1 17 ? -1.903  1.377   -10.933 1.00 12.76 ? 559  SER A OG  1 
ATOM   108 N N   . SER A 1 18 ? 0.980   4.913   -10.106 1.00 13.82 ? 560  SER A N   1 
ATOM   109 C CA  . SER A 1 18 ? 2.210   5.687   -10.274 1.00 13.47 ? 560  SER A CA  1 
ATOM   110 C C   . SER A 1 18 ? 3.181   5.570   -9.091  1.00 17.02 ? 560  SER A C   1 
ATOM   111 O O   . SER A 1 18 ? 4.359   5.945   -9.194  1.00 19.36 ? 560  SER A O   1 
ATOM   112 C CB  . SER A 1 18 ? 1.880   7.157   -10.552 1.00 16.47 ? 560  SER A CB  1 
ATOM   113 O OG  . SER A 1 18 ? 1.336   7.268   -11.855 1.00 21.53 ? 560  SER A OG  1 
ATOM   114 N N   . CYS A 1 19 ? 2.696   5.041   -7.970  1.00 14.53 ? 561  CYS A N   1 
ATOM   115 C CA  . CYS A 1 19 ? 3.520   4.857   -6.784  1.00 13.75 ? 561  CYS A CA  1 
ATOM   116 C C   . CYS A 1 19 ? 4.223   3.503   -6.698  1.00 15.17 ? 561  CYS A C   1 
ATOM   117 O O   . CYS A 1 19 ? 4.955   3.256   -5.743  1.00 16.07 ? 561  CYS A O   1 
ATOM   118 C CB  . CYS A 1 19 ? 2.680   5.059   -5.521  1.00 11.49 ? 561  CYS A CB  1 
ATOM   119 S SG  . CYS A 1 19 ? 2.239   6.763   -5.297  1.00 16.41 ? 561  CYS A SG  1 
ATOM   120 N N   . LEU A 1 20 ? 4.026   2.639   -7.685  1.00 13.87 ? 562  LEU A N   1 
ATOM   121 C CA  . LEU A 1 20 ? 4.552   1.287   -7.585  1.00 15.74 ? 562  LEU A CA  1 
ATOM   122 C C   . LEU A 1 20 ? 6.034   1.237   -7.251  1.00 14.56 ? 562  LEU A C   1 
ATOM   123 O O   . LEU A 1 20 ? 6.435   0.499   -6.355  1.00 14.57 ? 562  LEU A O   1 
ATOM   124 C CB  . LEU A 1 20 ? 4.304   0.490   -8.866  1.00 12.75 ? 562  LEU A CB  1 
ATOM   125 C CG  . LEU A 1 20 ? 4.763   -0.971  -8.879  1.00 15.37 ? 562  LEU A CG  1 
ATOM   126 C CD1 . LEU A 1 20 ? 4.051   -1.820  -7.829  1.00 13.85 ? 562  LEU A CD1 1 
ATOM   127 C CD2 . LEU A 1 20 ? 4.477   -1.523  -10.245 1.00 19.31 ? 562  LEU A CD2 1 
ATOM   128 N N   . ASP A 1 21 ? 6.839   2.010   -7.980  1.00 16.09 ? 563  ASP A N   1 
ATOM   129 C CA  . ASP A 1 21 ? 8.288   1.893   -7.873  1.00 19.77 ? 563  ASP A CA  1 
ATOM   130 C C   . ASP A 1 21 ? 8.809   2.198   -6.470  1.00 21.22 ? 563  ASP A C   1 
ATOM   131 O O   . ASP A 1 21 ? 9.843   1.683   -6.053  1.00 20.23 ? 563  ASP A O   1 
ATOM   132 C CB  . ASP A 1 21 ? 8.987   2.772   -8.917  1.00 23.39 ? 563  ASP A CB  1 
ATOM   133 C CG  . ASP A 1 21 ? 8.793   2.265   -10.344 1.00 27.98 ? 563  ASP A CG  1 
ATOM   134 O OD1 . ASP A 1 21 ? 8.187   1.188   -10.547 1.00 27.11 ? 563  ASP A OD1 1 
ATOM   135 O OD2 . ASP A 1 21 ? 9.256   2.951   -11.275 1.00 38.59 ? 563  ASP A OD2 1 
ATOM   136 N N   . TYR A 1 22 ? 8.096   3.033   -5.730  1.00 16.74 ? 564  TYR A N   1 
ATOM   137 C CA  . TYR A 1 22 ? 8.508   3.315   -4.364  1.00 13.87 ? 564  TYR A CA  1 
ATOM   138 C C   . TYR A 1 22 ? 8.502   2.066   -3.508  1.00 15.74 ? 564  TYR A C   1 
ATOM   139 O O   . TYR A 1 22 ? 9.240   1.971   -2.539  1.00 19.01 ? 564  TYR A O   1 
ATOM   140 C CB  . TYR A 1 22 ? 7.598   4.367   -3.749  1.00 16.90 ? 564  TYR A CB  1 
ATOM   141 C CG  . TYR A 1 22 ? 7.660   5.677   -4.476  1.00 16.93 ? 564  TYR A CG  1 
ATOM   142 C CD1 . TYR A 1 22 ? 8.654   6.608   -4.183  1.00 23.66 ? 564  TYR A CD1 1 
ATOM   143 C CD2 . TYR A 1 22 ? 6.724   6.002   -5.433  1.00 21.64 ? 564  TYR A CD2 1 
ATOM   144 C CE1 . TYR A 1 22 ? 8.712   7.823   -4.841  1.00 23.00 ? 564  TYR A CE1 1 
ATOM   145 C CE2 . TYR A 1 22 ? 6.772   7.219   -6.100  1.00 23.15 ? 564  TYR A CE2 1 
ATOM   146 C CZ  . TYR A 1 22 ? 7.772   8.125   -5.794  1.00 23.88 ? 564  TYR A CZ  1 
ATOM   147 O OH  . TYR A 1 22 ? 7.831   9.333   -6.454  1.00 28.45 ? 564  TYR A OH  1 
ATOM   148 N N   . PHE A 1 23 ? 7.646   1.112   -3.859  1.00 15.73 ? 565  PHE A N   1 
ATOM   149 C CA  . PHE A 1 23 ? 7.567   -0.138  -3.121  1.00 15.69 ? 565  PHE A CA  1 
ATOM   150 C C   . PHE A 1 23 ? 8.566   -1.123  -3.698  1.00 16.51 ? 565  PHE A C   1 
ATOM   151 O O   . PHE A 1 23 ? 9.339   -1.712  -2.966  1.00 17.64 ? 565  PHE A O   1 
ATOM   152 C CB  . PHE A 1 23 ? 6.157   -0.732  -3.196  1.00 15.90 ? 565  PHE A CB  1 
ATOM   153 C CG  . PHE A 1 23 ? 5.140   0.085   -2.478  1.00 15.48 ? 565  PHE A CG  1 
ATOM   154 C CD1 . PHE A 1 23 ? 4.927   -0.086  -1.118  1.00 14.25 ? 565  PHE A CD1 1 
ATOM   155 C CD2 . PHE A 1 23 ? 4.396   1.042   -3.159  1.00 15.08 ? 565  PHE A CD2 1 
ATOM   156 C CE1 . PHE A 1 23 ? 3.984   0.685   -0.447  1.00 14.34 ? 565  PHE A CE1 1 
ATOM   157 C CE2 . PHE A 1 23 ? 3.464   1.794   -2.500  1.00 14.62 ? 565  PHE A CE2 1 
ATOM   158 C CZ  . PHE A 1 23 ? 3.256   1.612   -1.139  1.00 12.08 ? 565  PHE A CZ  1 
ATOM   159 N N   . THR A 1 24 ? 8.543   -1.292  -5.015  1.00 14.43 ? 566  THR A N   1 
ATOM   160 C CA  . THR A 1 24 ? 9.326   -2.355  -5.628  1.00 16.22 ? 566  THR A CA  1 
ATOM   161 C C   . THR A 1 24 ? 10.825  -2.133  -5.416  1.00 18.94 ? 566  THR A C   1 
ATOM   162 O O   . THR A 1 24 ? 11.570  -3.085  -5.175  1.00 20.14 ? 566  THR A O   1 
ATOM   163 C CB  . THR A 1 24 ? 8.952   -2.536  -7.097  1.00 17.33 ? 566  THR A CB  1 
ATOM   164 O OG1 . THR A 1 24 ? 9.122   -1.314  -7.801  1.00 26.21 ? 566  THR A OG1 1 
ATOM   165 C CG2 . THR A 1 24 ? 7.511   -2.950  -7.226  1.00 20.05 ? 566  THR A CG2 1 
ATOM   166 N N   . THR A 1 25 ? 11.277  -0.886  -5.476  1.00 19.58 ? 567  THR A N   1 
ATOM   167 C CA  . THR A 1 25 ? 12.705  -0.647  -5.254  1.00 22.96 ? 567  THR A CA  1 
ATOM   168 C C   . THR A 1 25 ? 13.181  -1.080  -3.867  1.00 24.14 ? 567  THR A C   1 
ATOM   169 O O   . THR A 1 25 ? 14.383  -1.300  -3.660  1.00 24.92 ? 567  THR A O   1 
ATOM   170 C CB  . THR A 1 25 ? 13.114  0.808   -5.537  1.00 22.30 ? 567  THR A CB  1 
ATOM   171 O OG1 . THR A 1 25 ? 12.316  1.711   -4.753  1.00 28.45 ? 567  THR A OG1 1 
ATOM   172 C CG2 . THR A 1 25 ? 12.958  1.107   -7.019  1.00 23.32 ? 567  THR A CG2 1 
ATOM   173 N N   . GLN A 1 26 ? 12.243  -1.216  -2.927  1.00 23.65 ? 568  GLN A N   1 
ATOM   174 C CA  . GLN A 1 26 ? 12.530  -1.684  -1.570  1.00 21.54 ? 568  GLN A CA  1 
ATOM   175 C C   . GLN A 1 26 ? 12.262  -3.175  -1.364  1.00 19.96 ? 568  GLN A C   1 
ATOM   176 O O   . GLN A 1 26 ? 12.248  -3.662  -0.234  1.00 22.16 ? 568  GLN A O   1 
ATOM   177 C CB  . GLN A 1 26 ? 11.681  -0.906  -0.561  1.00 24.58 ? 568  GLN A CB  1 
ATOM   178 C CG  . GLN A 1 26 ? 11.863  0.587   -0.644  1.00 26.87 ? 568  GLN A CG  1 
ATOM   179 C CD  . GLN A 1 26 ? 13.274  0.999   -0.322  1.00 28.01 ? 568  GLN A CD  1 
ATOM   180 O OE1 . GLN A 1 26 ? 13.783  0.708   0.758   1.00 30.20 ? 568  GLN A OE1 1 
ATOM   181 N NE2 . GLN A 1 26 ? 13.920  1.674   -1.261  1.00 30.40 ? 568  GLN A NE2 1 
ATOM   182 N N   . GLY A 1 27 ? 12.030  -3.900  -2.443  1.00 19.53 ? 569  GLY A N   1 
ATOM   183 C CA  . GLY A 1 27 ? 11.737  -5.315  -2.323  1.00 19.34 ? 569  GLY A CA  1 
ATOM   184 C C   . GLY A 1 27 ? 10.334  -5.628  -1.844  1.00 19.96 ? 569  GLY A C   1 
ATOM   185 O O   . GLY A 1 27 ? 10.043  -6.770  -1.472  1.00 20.35 ? 569  GLY A O   1 
ATOM   186 N N   . LEU A 1 28 ? 9.470   -4.607  -1.840  1.00 15.99 ? 570  LEU A N   1 
ATOM   187 C CA  . LEU A 1 28 ? 8.077   -4.758  -1.424  1.00 15.22 ? 570  LEU A CA  1 
ATOM   188 C C   . LEU A 1 28 ? 7.193   -5.015  -2.640  1.00 15.70 ? 570  LEU A C   1 
ATOM   189 O O   . LEU A 1 28 ? 7.086   -4.176  -3.548  1.00 16.43 ? 570  LEU A O   1 
ATOM   190 C CB  . LEU A 1 28 ? 7.583   -3.506  -0.677  1.00 13.91 ? 570  LEU A CB  1 
ATOM   191 C CG  . LEU A 1 28 ? 8.393   -3.073  0.550   1.00 16.54 ? 570  LEU A CG  1 
ATOM   192 C CD1 . LEU A 1 28 ? 8.062   -1.658  0.929   1.00 17.49 ? 570  LEU A CD1 1 
ATOM   193 C CD2 . LEU A 1 28 ? 8.142   -4.028  1.714   1.00 17.94 ? 570  LEU A CD2 1 
ATOM   194 N N   . THR A 1 29 ? 6.588   -6.185  -2.661  1.00 17.01 ? 571  THR A N   1 
ATOM   195 C CA  . THR A 1 29 ? 5.807   -6.612  -3.816  1.00 14.76 ? 571  THR A CA  1 
ATOM   196 C C   . THR A 1 29 ? 4.438   -7.151  -3.443  1.00 14.50 ? 571  THR A C   1 
ATOM   197 O O   . THR A 1 29 ? 3.606   -7.369  -4.323  1.00 14.86 ? 571  THR A O   1 
ATOM   198 C CB  . THR A 1 29 ? 6.528   -7.722  -4.614  1.00 17.41 ? 571  THR A CB  1 
ATOM   199 O OG1 . THR A 1 29 ? 6.691   -8.877  -3.778  1.00 18.90 ? 571  THR A OG1 1 
ATOM   200 C CG2 . THR A 1 29 ? 7.878   -7.251  -5.136  1.00 18.70 ? 571  THR A CG2 1 
ATOM   201 N N   . THR A 1 30 ? 4.198   -7.423  -2.159  1.00 13.46 ? 572  THR A N   1 
ATOM   202 C CA  . THR A 1 30 ? 2.882   -7.927  -1.770  1.00 12.81 ? 572  THR A CA  1 
ATOM   203 C C   . THR A 1 30 ? 2.215   -7.067  -0.712  1.00 13.39 ? 572  THR A C   1 
ATOM   204 O O   . THR A 1 30 ? 2.880   -6.364  0.072   1.00 14.61 ? 572  THR A O   1 
ATOM   205 C CB  . THR A 1 30 ? 2.922   -9.374  -1.231  1.00 16.15 ? 572  THR A CB  1 
ATOM   206 O OG1 . THR A 1 30 ? 3.500   -9.365  0.084   1.00 18.99 ? 572  THR A OG1 1 
ATOM   207 C CG2 . THR A 1 30 ? 3.726   -10.295 -2.156  1.00 16.53 ? 572  THR A CG2 1 
ATOM   208 N N   . ILE A 1 31 ? 0.891   -7.138  -0.686  1.00 12.71 ? 573  ILE A N   1 
ATOM   209 C CA  . ILE A 1 31 ? 0.097   -6.402  0.312   1.00 13.88 ? 573  ILE A CA  1 
ATOM   210 C C   . ILE A 1 31 ? 0.388   -6.900  1.732   1.00 17.85 ? 573  ILE A C   1 
ATOM   211 O O   . ILE A 1 31 ? 0.374   -6.115  2.673   1.00 15.07 ? 573  ILE A O   1 
ATOM   212 C CB  . ILE A 1 31 ? -1.419  -6.464  -0.014  1.00 13.66 ? 573  ILE A CB  1 
ATOM   213 C CG1 . ILE A 1 31 ? -2.129  -5.118  0.213   1.00 21.00 ? 573  ILE A CG1 1 
ATOM   214 C CG2 . ILE A 1 31 ? -2.102  -7.662  0.672   1.00 18.24 ? 573  ILE A CG2 1 
ATOM   215 C CD1 . ILE A 1 31 ? -1.986  -4.521  1.591   1.00 20.36 ? 573  ILE A CD1 1 
ATOM   216 N N   . TYR A 1 32 ? 0.674   -8.191  1.896   1.00 15.78 ? 574  TYR A N   1 
ATOM   217 C CA  . TYR A 1 32 ? 0.969   -8.714  3.240   1.00 17.95 ? 574  TYR A CA  1 
ATOM   218 C C   . TYR A 1 32 ? 2.231   -8.079  3.807   1.00 17.10 ? 574  TYR A C   1 
ATOM   219 O O   . TYR A 1 32 ? 2.348   -7.859  5.025   1.00 19.95 ? 574  TYR A O   1 
ATOM   220 C CB  . TYR A 1 32 ? 1.131   -10.249 3.229   1.00 16.98 ? 574  TYR A CB  1 
ATOM   221 C CG  . TYR A 1 32 ? -0.153  -11.037 3.370   1.00 21.31 ? 574  TYR A CG  1 
ATOM   222 C CD1 . TYR A 1 32 ? -1.392  -10.417 3.315   1.00 21.54 ? 574  TYR A CD1 1 
ATOM   223 C CD2 . TYR A 1 32 ? -0.119  -12.425 3.528   1.00 23.92 ? 574  TYR A CD2 1 
ATOM   224 C CE1 . TYR A 1 32 ? -2.552  -11.137 3.429   1.00 26.01 ? 574  TYR A CE1 1 
ATOM   225 C CE2 . TYR A 1 32 ? -1.279  -13.154 3.642   1.00 24.66 ? 574  TYR A CE2 1 
ATOM   226 C CZ  . TYR A 1 32 ? -2.493  -12.505 3.589   1.00 25.02 ? 574  TYR A CZ  1 
ATOM   227 O OH  . TYR A 1 32 ? -3.658  -13.229 3.702   1.00 36.53 ? 574  TYR A OH  1 
ATOM   228 N N   . GLN A 1 33 ? 3.189   -7.783  2.939   1.00 17.04 ? 575  GLN A N   1 
ATOM   229 C CA  . GLN A 1 33 ? 4.412   -7.119  3.366   1.00 16.65 ? 575  GLN A CA  1 
ATOM   230 C C   . GLN A 1 33 ? 4.154   -5.731  3.955   1.00 19.28 ? 575  GLN A C   1 
ATOM   231 O O   . GLN A 1 33 ? 4.830   -5.313  4.897   1.00 21.60 ? 575  GLN A O   1 
ATOM   232 C CB  . GLN A 1 33 ? 5.409   -7.019  2.222   1.00 18.45 ? 575  GLN A CB  1 
ATOM   233 C CG  . GLN A 1 33 ? 6.043   -8.362  1.857   1.00 17.38 ? 575  GLN A CG  1 
ATOM   234 C CD  . GLN A 1 33 ? 6.886   -8.235  0.632   1.00 24.05 ? 575  GLN A CD  1 
ATOM   235 O OE1 . GLN A 1 33 ? 6.439   -7.707  -0.377  1.00 19.74 ? 575  GLN A OE1 1 
ATOM   236 N NE2 . GLN A 1 33 ? 8.127   -8.708  0.708   1.00 34.88 ? 575  GLN A NE2 1 
ATOM   237 N N   . ILE A 1 34 ? 3.161   -5.025  3.423   1.00 15.35 ? 576  ILE A N   1 
ATOM   238 C CA  . ILE A 1 34 ? 2.943   -3.640  3.830   1.00 14.50 ? 576  ILE A CA  1 
ATOM   239 C C   . ILE A 1 34 ? 1.661   -3.452  4.627   1.00 13.24 ? 576  ILE A C   1 
ATOM   240 O O   . ILE A 1 34 ? 1.236   -2.305  4.886   1.00 11.41 ? 576  ILE A O   1 
ATOM   241 C CB  . ILE A 1 34 ? 2.932   -2.682  2.609   1.00 14.63 ? 576  ILE A CB  1 
ATOM   242 C CG1 . ILE A 1 34 ? 1.795   -3.033  1.644   1.00 14.18 ? 576  ILE A CG1 1 
ATOM   243 C CG2 . ILE A 1 34 ? 4.277   -2.719  1.896   1.00 15.73 ? 576  ILE A CG2 1 
ATOM   244 C CD1 . ILE A 1 34 ? 1.558   -1.926  0.575   1.00 14.66 ? 576  ILE A CD1 1 
ATOM   245 N N   . GLU A 1 35 ? 1.052   -4.560  5.046   1.00 13.94 ? 577  GLU A N   1 
ATOM   246 C CA  . GLU A 1 35 ? -0.281  -4.496  5.630   1.00 16.03 ? 577  GLU A CA  1 
ATOM   247 C C   . GLU A 1 35 ? -0.347  -3.682  6.916   1.00 14.06 ? 577  GLU A C   1 
ATOM   248 O O   . GLU A 1 35 ? -1.404  -3.184  7.260   1.00 16.74 ? 577  GLU A O   1 
ATOM   249 C CB  . GLU A 1 35 ? -0.874  -5.893  5.864   1.00 19.64 ? 577  GLU A CB  1 
ATOM   250 C CG  . GLU A 1 35 ? -2.394  -5.893  5.737   1.00 23.33 ? 577  GLU A CG  1 
ATOM   251 C CD  . GLU A 1 35 ? -3.004  -7.271  5.820   1.00 31.88 ? 577  GLU A CD  1 
ATOM   252 O OE1 . GLU A 1 35 ? -2.353  -8.172  6.391   1.00 35.82 ? 577  GLU A OE1 1 
ATOM   253 O OE2 . GLU A 1 35 ? -4.135  -7.446  5.308   1.00 32.99 ? 577  GLU A OE2 1 
ATOM   254 N N   . HIS A 1 36 ? 0.771   -3.537  7.609   1.00 16.38 ? 578  HIS A N   1 
ATOM   255 C CA  . HIS A 1 36 ? 0.766   -2.773  8.856   1.00 17.98 ? 578  HIS A CA  1 
ATOM   256 C C   . HIS A 1 36 ? 1.509   -1.444  8.737   1.00 17.98 ? 578  HIS A C   1 
ATOM   257 O O   . HIS A 1 36 ? 1.805   -0.785  9.748   1.00 18.85 ? 578  HIS A O   1 
ATOM   258 C CB  . HIS A 1 36 ? 1.318   -3.618  10.009  1.00 22.61 ? 578  HIS A CB  1 
ATOM   259 C CG  . HIS A 1 36 ? 0.420   -4.745  10.418  1.00 22.53 ? 578  HIS A CG  1 
ATOM   260 N ND1 . HIS A 1 36 ? -0.812  -4.542  11.004  1.00 26.04 ? 578  HIS A ND1 1 
ATOM   261 C CD2 . HIS A 1 36 ? 0.584   -6.087  10.346  1.00 28.79 ? 578  HIS A CD2 1 
ATOM   262 C CE1 . HIS A 1 36 ? -1.376  -5.708  11.260  1.00 31.59 ? 578  HIS A CE1 1 
ATOM   263 N NE2 . HIS A 1 36 ? -0.548  -6.664  10.871  1.00 24.55 ? 578  HIS A NE2 1 
ATOM   264 N N   . TYR A 1 37 ? 1.780   -1.015  7.503   1.00 15.82 ? 579  TYR A N   1 
ATOM   265 C CA  . TYR A 1 37 ? 2.436   0.270   7.297   1.00 15.53 ? 579  TYR A CA  1 
ATOM   266 C C   . TYR A 1 37 ? 1.535   1.421   7.728   1.00 14.65 ? 579  TYR A C   1 
ATOM   267 O O   . TYR A 1 37 ? 0.348   1.436   7.418   1.00 13.44 ? 579  TYR A O   1 
ATOM   268 C CB  . TYR A 1 37 ? 2.841   0.471   5.834   1.00 14.90 ? 579  TYR A CB  1 
ATOM   269 C CG  . TYR A 1 37 ? 4.198   -0.105  5.478   1.00 15.88 ? 579  TYR A CG  1 
ATOM   270 C CD1 . TYR A 1 37 ? 4.629   -1.281  6.051   1.00 16.51 ? 579  TYR A CD1 1 
ATOM   271 C CD2 . TYR A 1 37 ? 5.045   0.544   4.587   1.00 18.20 ? 579  TYR A CD2 1 
ATOM   272 C CE1 . TYR A 1 37 ? 5.871   -1.821  5.737   1.00 18.74 ? 579  TYR A CE1 1 
ATOM   273 C CE2 . TYR A 1 37 ? 6.285   0.008   4.261   1.00 20.19 ? 579  TYR A CE2 1 
ATOM   274 C CZ  . TYR A 1 37 ? 6.686   -1.171  4.844   1.00 20.64 ? 579  TYR A CZ  1 
ATOM   275 O OH  . TYR A 1 37 ? 7.922   -1.714  4.547   1.00 24.54 ? 579  TYR A OH  1 
ATOM   276 N N   . SER A 1 38 ? 2.125   2.373   8.435   1.00 15.07 ? 580  SER A N   1 
ATOM   277 C CA  . SER A 1 38 ? 1.428   3.598   8.808   1.00 14.78 ? 580  SER A CA  1 
ATOM   278 C C   . SER A 1 38 ? 1.727   4.672   7.768   1.00 14.58 ? 580  SER A C   1 
ATOM   279 O O   . SER A 1 38 ? 2.512   4.472   6.844   1.00 14.09 ? 580  SER A O   1 
ATOM   280 C CB  . SER A 1 38 ? 1.934   4.077   10.161  1.00 14.70 ? 580  SER A CB  1 
ATOM   281 O OG  . SER A 1 38 ? 3.298   4.452   10.050  1.00 18.19 ? 580  SER A OG  1 
ATOM   282 N N   . MET A 1 39 ? 1.107   5.829   7.945   1.00 15.61 ? 581  MET A N   1 
ATOM   283 C CA  . MET A 1 39 ? 1.422   6.976   7.110   1.00 15.31 ? 581  MET A CA  1 
ATOM   284 C C   . MET A 1 39 ? 2.878   7.385   7.215   1.00 15.84 ? 581  MET A C   1 
ATOM   285 O O   . MET A 1 39 ? 3.493   7.752   6.218   1.00 16.58 ? 581  MET A O   1 
ATOM   286 C CB  . MET A 1 39 ? 0.514   8.121   7.475   1.00 17.31 ? 581  MET A CB  1 
ATOM   287 C CG  . MET A 1 39 ? -0.843  7.733   7.120   1.00 17.45 ? 581  MET A CG  1 
ATOM   288 S SD  . MET A 1 39 ? -1.122  8.271   5.469   1.00 21.19 ? 581  MET A SD  1 
ATOM   289 C CE  . MET A 1 39 ? -2.202  9.512   6.156   1.00 16.14 ? 581  MET A CE  1 
ATOM   290 N N   . ASP A 1 40 ? 3.418   7.335   8.430   1.00 18.42 ? 582  ASP A N   1 
ATOM   291 C CA  . ASP A 1 40 ? 4.841   7.595   8.640   1.00 19.48 ? 582  ASP A CA  1 
ATOM   292 C C   . ASP A 1 40 ? 5.694   6.639   7.812   1.00 19.83 ? 582  ASP A C   1 
ATOM   293 O O   . ASP A 1 40 ? 6.697   7.053   7.217   1.00 18.65 ? 582  ASP A O   1 
ATOM   294 C CB  . ASP A 1 40 ? 5.199   7.474   10.127  1.00 21.58 ? 582  ASP A CB  1 
ATOM   295 C CG  . ASP A 1 40 ? 4.819   8.710   10.921  1.00 26.19 ? 582  ASP A CG  1 
ATOM   296 O OD1 . ASP A 1 40 ? 4.569   9.770   10.304  1.00 27.18 ? 582  ASP A OD1 1 
ATOM   297 O OD2 . ASP A 1 40 ? 4.764   8.619   12.161  1.00 30.02 ? 582  ASP A OD2 1 
ATOM   298 N N   . ASP A 1 41 ? 5.298   5.363   7.754   1.00 17.80 ? 583  ASP A N   1 
ATOM   299 C CA  . ASP A 1 41 ? 6.056   4.380   6.982   1.00 17.32 ? 583  ASP A CA  1 
ATOM   300 C C   . ASP A 1 41 ? 6.027   4.710   5.502   1.00 19.28 ? 583  ASP A C   1 
ATOM   301 O O   . ASP A 1 41 ? 7.039   4.586   4.813   1.00 19.45 ? 583  ASP A O   1 
ATOM   302 C CB  . ASP A 1 41 ? 5.536   2.955   7.192   1.00 17.15 ? 583  ASP A CB  1 
ATOM   303 C CG  . ASP A 1 41 ? 5.702   2.482   8.619   1.00 19.01 ? 583  ASP A CG  1 
ATOM   304 O OD1 . ASP A 1 41 ? 6.676   2.905   9.273   1.00 24.61 ? 583  ASP A OD1 1 
ATOM   305 O OD2 . ASP A 1 41 ? 4.868   1.696   9.093   1.00 17.73 ? 583  ASP A OD2 1 
ATOM   306 N N   . LEU A 1 42 ? 4.863   5.124   5.010   1.00 15.67 ? 584  LEU A N   1 
ATOM   307 C CA  . LEU A 1 42 ? 4.765   5.492   3.608   1.00 17.74 ? 584  LEU A CA  1 
ATOM   308 C C   . LEU A 1 42 ? 5.618   6.725   3.316   1.00 17.78 ? 584  LEU A C   1 
ATOM   309 O O   . LEU A 1 42 ? 6.187   6.835   2.243   1.00 18.16 ? 584  LEU A O   1 
ATOM   310 C CB  . LEU A 1 42 ? 3.311   5.716   3.186   1.00 15.05 ? 584  LEU A CB  1 
ATOM   311 C CG  . LEU A 1 42 ? 2.404   4.492   3.331   1.00 15.86 ? 584  LEU A CG  1 
ATOM   312 C CD1 . LEU A 1 42 ? 0.953   4.885   3.059   1.00 18.49 ? 584  LEU A CD1 1 
ATOM   313 C CD2 . LEU A 1 42 ? 2.842   3.361   2.402   1.00 14.03 ? 584  LEU A CD2 1 
ATOM   314 N N   . ALA A 1 43 ? 5.708   7.641   4.281   1.00 17.83 ? 585  ALA A N   1 
ATOM   315 C CA  . ALA A 1 43 ? 6.548   8.826   4.116   1.00 20.50 ? 585  ALA A CA  1 
ATOM   316 C C   . ALA A 1 43 ? 8.008   8.387   4.010   1.00 21.28 ? 585  ALA A C   1 
ATOM   317 O O   . ALA A 1 43 ? 8.792   8.954   3.251   1.00 21.36 ? 585  ALA A O   1 
ATOM   318 C CB  . ALA A 1 43 ? 6.345   9.803   5.276   1.00 21.86 ? 585  ALA A CB  1 
ATOM   319 N N   . SER A 1 44 ? 8.360   7.351   4.759   1.00 19.73 ? 586  SER A N   1 
ATOM   320 C CA  . SER A 1 44 ? 9.732   6.862   4.765   1.00 23.12 ? 586  SER A CA  1 
ATOM   321 C C   . SER A 1 44 ? 10.111  6.248   3.416   1.00 25.06 ? 586  SER A C   1 
ATOM   322 O O   . SER A 1 44 ? 11.282  6.230   3.042   1.00 24.61 ? 586  SER A O   1 
ATOM   323 C CB  . SER A 1 44 ? 9.925   5.841   5.885   1.00 24.14 ? 586  SER A CB  1 
ATOM   324 O OG  . SER A 1 44 ? 9.652   4.534   5.421   1.00 32.05 ? 586  SER A OG  1 
ATOM   325 N N   . LEU A 1 45 ? 9.119   5.741   2.689   1.00 21.08 ? 587  LEU A N   1 
ATOM   326 C CA  . LEU A 1 45 ? 9.330   5.239   1.331   1.00 22.22 ? 587  LEU A CA  1 
ATOM   327 C C   . LEU A 1 45 ? 9.403   6.372   0.316   1.00 20.69 ? 587  LEU A C   1 
ATOM   328 O O   . LEU A 1 45 ? 9.627   6.136   -0.869  1.00 23.66 ? 587  LEU A O   1 
ATOM   329 C CB  . LEU A 1 45 ? 8.189   4.295   0.920   1.00 19.57 ? 587  LEU A CB  1 
ATOM   330 C CG  . LEU A 1 45 ? 8.061   2.959   1.643   1.00 20.76 ? 587  LEU A CG  1 
ATOM   331 C CD1 . LEU A 1 45 ? 6.888   2.151   1.071   1.00 18.30 ? 587  LEU A CD1 1 
ATOM   332 C CD2 . LEU A 1 45 ? 9.363   2.164   1.508   1.00 23.40 ? 587  LEU A CD2 1 
ATOM   333 N N   . LYS A 1 46 ? 9.178   7.592   0.785   1.00 18.94 ? 588  LYS A N   1 
ATOM   334 C CA  . LYS A 1 46 ? 9.201   8.782   -0.054  1.00 24.85 ? 588  LYS A CA  1 
ATOM   335 C C   . LYS A 1 46 ? 8.022   8.846   -1.024  1.00 23.66 ? 588  LYS A C   1 
ATOM   336 O O   . LYS A 1 46 ? 8.119   9.463   -2.080  1.00 22.09 ? 588  LYS A O   1 
ATOM   337 C CB  . LYS A 1 46 ? 10.534  8.915   -0.797  1.00 26.90 ? 588  LYS A CB  1 
ATOM   338 C CG  . LYS A 1 46 ? 11.767  8.899   0.114   1.00 29.43 ? 588  LYS A CG  1 
ATOM   339 C CD  . LYS A 1 46 ? 11.666  9.923   1.232   1.00 32.53 ? 588  LYS A CD  1 
ATOM   340 C CE  . LYS A 1 46 ? 12.942  9.960   2.085   1.00 32.16 ? 588  LYS A CE  1 
ATOM   341 N NZ  . LYS A 1 46 ? 12.769  10.754  3.343   1.00 32.52 ? 588  LYS A NZ  1 
ATOM   342 N N   . ILE A 1 47 ? 6.913   8.203   -0.657  1.00 20.96 ? 589  ILE A N   1 
ATOM   343 C CA  . ILE A 1 47 ? 5.674   8.308   -1.417  1.00 20.00 ? 589  ILE A CA  1 
ATOM   344 C C   . ILE A 1 47 ? 5.193   9.751   -1.407  1.00 18.25 ? 589  ILE A C   1 
ATOM   345 O O   . ILE A 1 47 ? 5.033   10.348  -0.333  1.00 21.49 ? 589  ILE A O   1 
ATOM   346 C CB  . ILE A 1 47 ? 4.580   7.395   -0.819  1.00 20.72 ? 589  ILE A CB  1 
ATOM   347 C CG1 . ILE A 1 47 ? 5.002   5.930   -0.930  1.00 21.79 ? 589  ILE A CG1 1 
ATOM   348 C CG2 . ILE A 1 47 ? 3.255   7.586   -1.541  1.00 15.34 ? 589  ILE A CG2 1 
ATOM   349 C CD1 . ILE A 1 47 ? 4.885   5.399   -2.315  1.00 23.68 ? 589  ILE A CD1 1 
ATOM   350 N N   . PRO A 1 48 ? 4.984   10.337  -2.598  1.00 19.03 ? 590  PRO A N   1 
ATOM   351 C CA  . PRO A 1 48 ? 4.544   11.740  -2.637  1.00 21.82 ? 590  PRO A CA  1 
ATOM   352 C C   . PRO A 1 48 ? 3.277   11.953  -1.827  1.00 22.97 ? 590  PRO A C   1 
ATOM   353 O O   . PRO A 1 48 ? 2.407   11.084  -1.797  1.00 19.43 ? 590  PRO A O   1 
ATOM   354 C CB  . PRO A 1 48 ? 4.271   11.981  -4.124  1.00 22.46 ? 590  PRO A CB  1 
ATOM   355 C CG  . PRO A 1 48 ? 5.172   11.038  -4.825  1.00 24.33 ? 590  PRO A CG  1 
ATOM   356 C CD  . PRO A 1 48 ? 5.252   9.803   -3.941  1.00 21.13 ? 590  PRO A CD  1 
ATOM   357 N N   . GLU A 1 49 ? 3.165   13.112  -1.188  1.00 22.06 ? 591  GLU A N   1 
ATOM   358 C CA  . GLU A 1 49 ? 2.061   13.391  -0.276  1.00 23.46 ? 591  GLU A CA  1 
ATOM   359 C C   . GLU A 1 49 ? 0.679   13.231  -0.897  1.00 20.65 ? 591  GLU A C   1 
ATOM   360 O O   . GLU A 1 49 ? -0.261  12.804  -0.228  1.00 22.33 ? 591  GLU A O   1 
ATOM   361 C CB  . GLU A 1 49 ? 2.200   14.801  0.293   1.00 29.24 ? 591  GLU A CB  1 
ATOM   362 C CG  . GLU A 1 49 ? 3.021   14.878  1.564   1.00 32.04 ? 591  GLU A CG  1 
ATOM   363 C CD  . GLU A 1 49 ? 2.174   14.786  2.820   1.00 34.58 ? 591  GLU A CD  1 
ATOM   364 O OE1 . GLU A 1 49 ? 1.433   13.792  2.985   1.00 41.23 ? 591  GLU A OE1 1 
ATOM   365 O OE2 . GLU A 1 49 ? 2.245   15.719  3.649   1.00 44.25 ? 591  GLU A OE2 1 
ATOM   366 N N   . GLN A 1 50 ? 0.552   13.580  -2.169  1.00 23.07 ? 592  GLN A N   1 
ATOM   367 C CA  . GLN A 1 50 ? -0.728  13.488  -2.856  1.00 24.73 ? 592  GLN A CA  1 
ATOM   368 C C   . GLN A 1 50 ? -1.310  12.069  -2.855  1.00 23.48 ? 592  GLN A C   1 
ATOM   369 O O   . GLN A 1 50 ? -2.520  11.884  -3.035  1.00 20.11 ? 592  GLN A O   1 
ATOM   370 C CB  . GLN A 1 50 ? -0.626  14.033  -4.291  1.00 26.51 ? 592  GLN A CB  1 
ATOM   371 C CG  . GLN A 1 50 ? 0.277   13.269  -5.237  1.00 26.74 ? 592  GLN A CG  1 
ATOM   372 C CD  . GLN A 1 50 ? 1.654   13.887  -5.337  1.00 23.53 ? 592  GLN A CD  1 
ATOM   373 O OE1 . GLN A 1 50 ? 2.159   14.462  -4.370  1.00 23.48 ? 592  GLN A OE1 1 
ATOM   374 N NE2 . GLN A 1 50 ? 2.269   13.771  -6.507  1.00 22.83 ? 592  GLN A NE2 1 
ATOM   375 N N   . PHE A 1 51 ? -0.457  11.074  -2.631  1.00 17.31 ? 593  PHE A N   1 
ATOM   376 C CA  . PHE A 1 51 ? -0.887  9.671   -2.694  1.00 15.82 ? 593  PHE A CA  1 
ATOM   377 C C   . PHE A 1 51 ? -0.973  8.994   -1.338  1.00 14.26 ? 593  PHE A C   1 
ATOM   378 O O   . PHE A 1 51 ? -1.621  7.944   -1.208  1.00 12.67 ? 593  PHE A O   1 
ATOM   379 C CB  . PHE A 1 51 ? 0.107   8.830   -3.493  1.00 15.53 ? 593  PHE A CB  1 
ATOM   380 C CG  . PHE A 1 51 ? 0.221   9.189   -4.948  1.00 17.06 ? 593  PHE A CG  1 
ATOM   381 C CD1 . PHE A 1 51 ? -0.731  8.765   -5.871  1.00 18.56 ? 593  PHE A CD1 1 
ATOM   382 C CD2 . PHE A 1 51 ? 1.328   9.881   -5.398  1.00 20.02 ? 593  PHE A CD2 1 
ATOM   383 C CE1 . PHE A 1 51 ? -0.591  9.076   -7.217  1.00 17.67 ? 593  PHE A CE1 1 
ATOM   384 C CE2 . PHE A 1 51 ? 1.475   10.190  -6.732  1.00 23.61 ? 593  PHE A CE2 1 
ATOM   385 C CZ  . PHE A 1 51 ? 0.518   9.783   -7.645  1.00 21.96 ? 593  PHE A CZ  1 
ATOM   386 N N   . ARG A 1 52 ? -0.282  9.541   -0.345  1.00 15.19 ? 594  ARG A N   1 
ATOM   387 C CA  . ARG A 1 52 ? -0.060  8.798   0.894   1.00 12.78 ? 594  ARG A CA  1 
ATOM   388 C C   . ARG A 1 52 ? -1.337  8.418   1.614   1.00 13.70 ? 594  ARG A C   1 
ATOM   389 O O   . ARG A 1 52 ? -1.490  7.265   2.034   1.00 13.75 ? 594  ARG A O   1 
ATOM   390 C CB  . ARG A 1 52 ? 0.839   9.573   1.856   1.00 18.31 ? 594  ARG A CB  1 
ATOM   391 C CG  . ARG A 1 52 ? 2.263   9.630   1.465   1.00 21.85 ? 594  ARG A CG  1 
ATOM   392 C CD  . ARG A 1 52 ? 3.041   10.333  2.565   1.00 20.70 ? 594  ARG A CD  1 
ATOM   393 N NE  . ARG A 1 52 ? 4.256   10.927  2.044   1.00 28.25 ? 594  ARG A NE  1 
ATOM   394 C CZ  . ARG A 1 52 ? 4.940   11.874  2.667   1.00 30.21 ? 594  ARG A CZ  1 
ATOM   395 N NH1 . ARG A 1 52 ? 4.510   12.341  3.835   1.00 29.09 ? 594  ARG A NH1 1 
ATOM   396 N NH2 . ARG A 1 52 ? 6.045   12.351  2.124   1.00 30.69 ? 594  ARG A NH2 1 
ATOM   397 N N   . HIS A 1 53 ? -2.241  9.372   1.795   1.00 12.84 ? 595  HIS A N   1 
ATOM   398 C CA  . HIS A 1 53 ? -3.465  9.058   2.528   1.00 13.65 ? 595  HIS A CA  1 
ATOM   399 C C   . HIS A 1 53 ? -4.328  8.049   1.755   1.00 13.49 ? 595  HIS A C   1 
ATOM   400 O O   . HIS A 1 53 ? -4.897  7.118   2.335   1.00 11.35 ? 595  HIS A O   1 
ATOM   401 C CB  . HIS A 1 53 ? -4.258  10.320  2.925   1.00 11.62 ? 595  HIS A CB  1 
ATOM   402 C CG  . HIS A 1 53 ? -5.341  10.029  3.919   1.00 13.84 ? 595  HIS A CG  1 
ATOM   403 N ND1 . HIS A 1 53 ? -6.628  9.703   3.545   1.00 16.97 ? 595  HIS A ND1 1 
ATOM   404 C CD2 . HIS A 1 53 ? -5.299  9.910   5.264   1.00 13.92 ? 595  HIS A CD2 1 
ATOM   405 C CE1 . HIS A 1 53 ? -7.348  9.458   4.625   1.00 19.33 ? 595  HIS A CE1 1 
ATOM   406 N NE2 . HIS A 1 53 ? -6.566  9.579   5.681   1.00 13.70 ? 595  HIS A NE2 1 
ATOM   407 N N   . ALA A 1 54 ? -4.411  8.206   0.439   1.00 12.31 ? 596  ALA A N   1 
ATOM   408 C CA  . ALA A 1 54 ? -5.171  7.246   -0.361  1.00 11.49 ? 596  ALA A CA  1 
ATOM   409 C C   . ALA A 1 54 ? -4.628  5.820   -0.218  1.00 11.05 ? 596  ALA A C   1 
ATOM   410 O O   . ALA A 1 54 ? -5.388  4.867   -0.105  1.00 10.43 ? 596  ALA A O   1 
ATOM   411 C CB  . ALA A 1 54 ? -5.181  7.659   -1.817  1.00 13.85 ? 596  ALA A CB  1 
ATOM   412 N N   . ILE A 1 55 ? -3.313  5.672   -0.254  1.00 10.71 ? 597  ILE A N   1 
ATOM   413 C CA  . ILE A 1 55 ? -2.708  4.353   -0.163  1.00 8.04  ? 597  ILE A CA  1 
ATOM   414 C C   . ILE A 1 55 ? -2.936  3.809   1.233   1.00 9.36  ? 597  ILE A C   1 
ATOM   415 O O   . ILE A 1 55 ? -3.322  2.652   1.387   1.00 10.19 ? 597  ILE A O   1 
ATOM   416 C CB  . ILE A 1 55 ? -1.199  4.397   -0.511  1.00 7.31  ? 597  ILE A CB  1 
ATOM   417 C CG1 . ILE A 1 55 ? -1.031  4.721   -2.000  1.00 9.56  ? 597  ILE A CG1 1 
ATOM   418 C CG2 . ILE A 1 55 ? -0.526  3.094   -0.138  1.00 8.85  ? 597  ILE A CG2 1 
ATOM   419 C CD1 . ILE A 1 55 ? 0.453   4.888   -2.424  1.00 11.83 ? 597  ILE A CD1 1 
ATOM   420 N N   . TRP A 1 56 ? -2.713  4.646   2.239   1.00 9.57  ? 598  TRP A N   1 
ATOM   421 C CA  . TRP A 1 56 ? -2.874  4.200   3.617   1.00 9.19  ? 598  TRP A CA  1 
ATOM   422 C C   . TRP A 1 56 ? -4.314  3.755   3.923   1.00 10.18 ? 598  TRP A C   1 
ATOM   423 O O   . TRP A 1 56 ? -4.526  2.715   4.558   1.00 10.58 ? 598  TRP A O   1 
ATOM   424 C CB  . TRP A 1 56 ? -2.396  5.286   4.596   1.00 10.46 ? 598  TRP A CB  1 
ATOM   425 C CG  . TRP A 1 56 ? -2.622  4.846   5.999   1.00 11.42 ? 598  TRP A CG  1 
ATOM   426 C CD1 . TRP A 1 56 ? -1.879  3.946   6.704   1.00 13.82 ? 598  TRP A CD1 1 
ATOM   427 C CD2 . TRP A 1 56 ? -3.720  5.210   6.832   1.00 11.53 ? 598  TRP A CD2 1 
ATOM   428 N NE1 . TRP A 1 56 ? -2.445  3.740   7.949   1.00 13.01 ? 598  TRP A NE1 1 
ATOM   429 C CE2 . TRP A 1 56 ? -3.575  4.508   8.049   1.00 11.95 ? 598  TRP A CE2 1 
ATOM   430 C CE3 . TRP A 1 56 ? -4.809  6.069   6.673   1.00 10.69 ? 598  TRP A CE3 1 
ATOM   431 C CZ2 . TRP A 1 56 ? -4.475  4.637   9.093   1.00 14.12 ? 598  TRP A CZ2 1 
ATOM   432 C CZ3 . TRP A 1 56 ? -5.701  6.198   7.707   1.00 14.67 ? 598  TRP A CZ3 1 
ATOM   433 C CH2 . TRP A 1 56 ? -5.527  5.490   8.914   1.00 15.32 ? 598  TRP A CH2 1 
ATOM   434 N N   . LYS A 1 57 ? -5.296  4.555   3.506   1.00 10.20 ? 599  LYS A N   1 
ATOM   435 C CA  . LYS A 1 57 ? -6.697  4.148   3.646   1.00 12.85 ? 599  LYS A CA  1 
ATOM   436 C C   . LYS A 1 57 ? -6.968  2.799   2.950   1.00 12.52 ? 599  LYS A C   1 
ATOM   437 O O   . LYS A 1 57 ? -7.720  1.969   3.471   1.00 14.29 ? 599  LYS A O   1 
ATOM   438 C CB  . LYS A 1 57 ? -7.636  5.246   3.133   1.00 16.99 ? 599  LYS A CB  1 
ATOM   439 C CG  . LYS A 1 57 ? -9.115  5.005   3.443   1.00 22.27 ? 599  LYS A CG  1 
ATOM   440 C CD  . LYS A 1 57 ? -9.355  4.881   4.953   1.00 25.34 ? 599  LYS A CD  1 
ATOM   441 C CE  . LYS A 1 57 ? -10.842 4.664   5.246   1.00 26.64 ? 599  LYS A CE  1 
ATOM   442 N NZ  . LYS A 1 57 ? -11.097 4.317   6.680   1.00 31.47 ? 599  LYS A NZ  1 
ATOM   443 N N   . GLY A 1 58 ? -6.335  2.565   1.804   1.00 11.63 ? 600  GLY A N   1 
ATOM   444 C CA  . GLY A 1 58 ? -6.445  1.281   1.144   1.00 12.38 ? 600  GLY A CA  1 
ATOM   445 C C   . GLY A 1 58 ? -5.847  0.175   1.993   1.00 14.27 ? 600  GLY A C   1 
ATOM   446 O O   . GLY A 1 58 ? -6.404  -0.926  2.067   1.00 12.49 ? 600  GLY A O   1 
ATOM   447 N N   . ILE A 1 59 ? -4.709  0.462   2.627   1.00 11.27 ? 601  ILE A N   1 
ATOM   448 C CA  . ILE A 1 59 ? -4.067  -0.534  3.478   1.00 10.67 ? 601  ILE A CA  1 
ATOM   449 C C   . ILE A 1 59 ? -4.954  -0.865  4.678   1.00 13.82 ? 601  ILE A C   1 
ATOM   450 O O   . ILE A 1 59 ? -5.134  -2.037  5.033   1.00 12.80 ? 601  ILE A O   1 
ATOM   451 C CB  . ILE A 1 59 ? -2.689  -0.054  3.962   1.00 11.47 ? 601  ILE A CB  1 
ATOM   452 C CG1 . ILE A 1 59 ? -1.722  0.003   2.783   1.00 11.19 ? 601  ILE A CG1 1 
ATOM   453 C CG2 . ILE A 1 59 ? -2.144  -0.949  5.079   1.00 13.58 ? 601  ILE A CG2 1 
ATOM   454 C CD1 . ILE A 1 59 ? -0.403  0.664   3.138   1.00 11.12 ? 601  ILE A CD1 1 
ATOM   455 N N   . LEU A 1 60 ? -5.507  0.170   5.298   1.00 11.83 ? 602  LEU A N   1 
ATOM   456 C CA  . LEU A 1 60 ? -6.411  -0.028  6.427   1.00 11.59 ? 602  LEU A CA  1 
ATOM   457 C C   . LEU A 1 60 ? -7.636  -0.850  6.018   1.00 14.82 ? 602  LEU A C   1 
ATOM   458 O O   . LEU A 1 60 ? -8.071  -1.724  6.754   1.00 13.44 ? 602  LEU A O   1 
ATOM   459 C CB  . LEU A 1 60 ? -6.821  1.313   7.041   1.00 12.30 ? 602  LEU A CB  1 
ATOM   460 C CG  . LEU A 1 60 ? -7.705  1.276   8.278   1.00 18.29 ? 602  LEU A CG  1 
ATOM   461 C CD1 . LEU A 1 60 ? -7.071  0.405   9.329   1.00 20.65 ? 602  LEU A CD1 1 
ATOM   462 C CD2 . LEU A 1 60 ? -7.896  2.694   8.813   1.00 17.14 ? 602  LEU A CD2 1 
ATOM   463 N N   . ASP A 1 61 ? -8.187  -0.581  4.845   1.00 13.68 ? 603  ASP A N   1 
ATOM   464 C CA  . ASP A 1 61 ? -9.336  -1.367  4.377   1.00 13.07 ? 603  ASP A CA  1 
ATOM   465 C C   . ASP A 1 61 ? -8.962  -2.837  4.225   1.00 18.70 ? 603  ASP A C   1 
ATOM   466 O O   . ASP A 1 61 ? -9.738  -3.725  4.601   1.00 15.94 ? 603  ASP A O   1 
ATOM   467 C CB  . ASP A 1 61 ? -9.845  -0.851  3.037   1.00 15.07 ? 603  ASP A CB  1 
ATOM   468 C CG  . ASP A 1 61 ? -10.647 0.406   3.156   1.00 15.30 ? 603  ASP A CG  1 
ATOM   469 O OD1 . ASP A 1 61 ? -11.178 0.686   4.249   1.00 20.62 ? 603  ASP A OD1 1 
ATOM   470 O OD2 . ASP A 1 61 ? -10.771 1.121   2.138   1.00 16.46 ? 603  ASP A OD2 1 
ATOM   471 N N   . HIS A 1 62 ? -7.787  -3.104  3.649   1.00 12.42 ? 604  HIS A N   1 
ATOM   472 C CA  . HIS A 1 62 ? -7.310  -4.486  3.549   1.00 14.00 ? 604  HIS A CA  1 
ATOM   473 C C   . HIS A 1 62 ? -7.180  -5.162  4.916   1.00 18.11 ? 604  HIS A C   1 
ATOM   474 O O   . HIS A 1 62 ? -7.596  -6.313  5.070   1.00 19.21 ? 604  HIS A O   1 
ATOM   475 C CB  . HIS A 1 62 ? -5.983  -4.563  2.782   1.00 18.25 ? 604  HIS A CB  1 
ATOM   476 C CG  . HIS A 1 62 ? -5.717  -5.904  2.158   1.00 19.75 ? 604  HIS A CG  1 
ATOM   477 N ND1 . HIS A 1 62 ? -5.126  -6.937  2.847   1.00 24.82 ? 604  HIS A ND1 1 
ATOM   478 C CD2 . HIS A 1 62 ? -5.945  -6.369  0.902   1.00 21.24 ? 604  HIS A CD2 1 
ATOM   479 C CE1 . HIS A 1 62 ? -5.009  -7.987  2.050   1.00 26.37 ? 604  HIS A CE1 1 
ATOM   480 N NE2 . HIS A 1 62 ? -5.493  -7.666  0.863   1.00 23.87 ? 604  HIS A NE2 1 
ATOM   481 N N   . ARG A 1 63 ? -6.604  -4.454  5.893   1.00 18.08 ? 605  ARG A N   1 
ATOM   482 C CA  . ARG A 1 63 ? -6.549  -4.945  7.280   1.00 19.39 ? 605  ARG A CA  1 
ATOM   483 C C   . ARG A 1 63 ? -7.919  -5.348  7.804   1.00 20.38 ? 605  ARG A C   1 
ATOM   484 O O   . ARG A 1 63 ? -8.076  -6.420  8.389   1.00 21.73 ? 605  ARG A O   1 
ATOM   485 C CB  . ARG A 1 63 ? -6.053  -3.867  8.226   1.00 21.89 ? 605  ARG A CB  1 
ATOM   486 C CG  . ARG A 1 63 ? -4.580  -3.705  8.329   1.00 18.72 ? 605  ARG A CG  1 
ATOM   487 C CD  . ARG A 1 63 ? -4.275  -2.607  9.374   1.00 15.79 ? 605  ARG A CD  1 
ATOM   488 N NE  . ARG A 1 63 ? -3.138  -1.846  8.909   1.00 15.74 ? 605  ARG A NE  1 
ATOM   489 C CZ  . ARG A 1 63 ? -2.777  -0.650  9.361   1.00 15.54 ? 605  ARG A CZ  1 
ATOM   490 N NH1 . ARG A 1 63 ? -3.454  -0.064  10.342  1.00 15.71 ? 605  ARG A NH1 1 
ATOM   491 N NH2 . ARG A 1 63 ? -1.714  -0.051  8.841   1.00 17.35 ? 605  ARG A NH2 1 
ATOM   492 N N   . GLN A 1 64 ? -8.893  -4.462  7.630   1.00 18.05 ? 606  GLN A N   1 
ATOM   493 C CA  . GLN A 1 64 ? -10.253 -4.691  8.125   1.00 18.35 ? 606  GLN A CA  1 
ATOM   494 C C   . GLN A 1 64 ? -10.972 -5.829  7.428   1.00 23.15 ? 606  GLN A C   1 
ATOM   495 O O   . GLN A 1 64 ? -11.648 -6.632  8.072   1.00 21.86 ? 606  GLN A O   1 
ATOM   496 C CB  . GLN A 1 64 ? -11.073 -3.408  8.050   1.00 19.30 ? 606  GLN A CB  1 
ATOM   497 C CG  . GLN A 1 64 ? -10.501 -2.320  8.935   1.00 19.10 ? 606  GLN A CG  1 
ATOM   498 C CD  . GLN A 1 64 ? -11.186 -0.990  8.766   1.00 21.81 ? 606  GLN A CD  1 
ATOM   499 O OE1 . GLN A 1 64 ? -12.009 -0.808  7.878   1.00 26.97 ? 606  GLN A OE1 1 
ATOM   500 N NE2 . GLN A 1 64 ? -10.845 -0.038  9.631   1.00 24.08 ? 606  GLN A NE2 1 
ATOM   501 N N   . LEU A 1 65 ? -10.860 -5.885  6.112   1.00 21.01 ? 607  LEU A N   1 
ATOM   502 C CA  . LEU A 1 65 ? -11.412 -7.013  5.387   1.00 20.58 ? 607  LEU A CA  1 
ATOM   503 C C   . LEU A 1 65 ? -10.772 -8.300  5.870   1.00 27.61 ? 607  LEU A C   1 
ATOM   504 O O   . LEU A 1 65 ? -11.427 -9.338  5.955   1.00 28.26 ? 607  LEU A O   1 
ATOM   505 C CB  . LEU A 1 65 ? -11.179 -6.843  3.891   1.00 20.95 ? 607  LEU A CB  1 
ATOM   506 C CG  . LEU A 1 65 ? -12.066 -5.805  3.216   1.00 20.86 ? 607  LEU A CG  1 
ATOM   507 C CD1 . LEU A 1 65 ? -11.502 -5.363  1.862   1.00 22.94 ? 607  LEU A CD1 1 
ATOM   508 C CD2 . LEU A 1 65 ? -13.486 -6.360  3.068   1.00 22.61 ? 607  LEU A CD2 1 
ATOM   509 N N   . HIS A 1 66 ? -9.482  -8.228  6.184   1.00 27.29 ? 608  HIS A N   1 
ATOM   510 C CA  . HIS A 1 66 ? -8.727  -9.408  6.597   1.00 28.07 ? 608  HIS A CA  1 
ATOM   511 C C   . HIS A 1 66 ? -9.223  -9.925  7.934   1.00 31.28 ? 608  HIS A C   1 
ATOM   512 O O   . HIS A 1 66 ? -9.329  -11.136 8.141   1.00 32.21 ? 608  HIS A O   1 
ATOM   513 C CB  . HIS A 1 66 ? -7.241  -9.077  6.717   1.00 29.58 ? 608  HIS A CB  1 
ATOM   514 C CG  . HIS A 1 66 ? -6.346  -10.278 6.671   1.00 34.26 ? 608  HIS A CG  1 
ATOM   515 N ND1 . HIS A 1 66 ? -4.991  -10.188 6.427   1.00 32.48 ? 608  HIS A ND1 1 
ATOM   516 C CD2 . HIS A 1 66 ? -6.615  -11.597 6.820   1.00 31.01 ? 608  HIS A CD2 1 
ATOM   517 C CE1 . HIS A 1 66 ? -4.462  -11.399 6.440   1.00 32.14 ? 608  HIS A CE1 1 
ATOM   518 N NE2 . HIS A 1 66 ? -5.426  -12.272 6.672   1.00 32.68 ? 608  HIS A NE2 1 
ATOM   519 N N   . GLU A 1 67 ? -9.518  -9.002  8.846   1.00 27.73 ? 609  GLU A N   1 
ATOM   520 C CA  . GLU A 1 67 ? -9.978  -9.375  10.179  1.00 32.24 ? 609  GLU A CA  1 
ATOM   521 C C   . GLU A 1 67 ? -11.376 -9.990  10.169  1.00 35.32 ? 609  GLU A C   1 
ATOM   522 O O   . GLU A 1 67 ? -11.649 -10.941 10.905  1.00 35.89 ? 609  GLU A O   1 
ATOM   523 C CB  . GLU A 1 67 ? -9.966  -8.169  11.116  1.00 31.21 ? 609  GLU A CB  1 
ATOM   524 C CG  . GLU A 1 67 ? -10.416 -8.517  12.527  1.00 39.53 ? 609  GLU A CG  1 
ATOM   525 C CD  . GLU A 1 67 ? -10.652 -7.301  13.388  1.00 40.76 ? 609  GLU A CD  1 
ATOM   526 O OE1 . GLU A 1 67 ? -10.389 -6.174  12.910  1.00 42.82 ? 609  GLU A OE1 1 
ATOM   527 O OE2 . GLU A 1 67 ? -11.106 -7.472  14.543  1.00 48.08 ? 609  GLU A OE2 1 
ATOM   528 N N   . PHE A 1 68 ? -12.258 -9.446  9.336   1.00 33.01 ? 610  PHE A N   1 
ATOM   529 C CA  . PHE A 1 68 ? -13.649 -9.879  9.316   1.00 32.67 ? 610  PHE A CA  1 
ATOM   530 C C   . PHE A 1 68 ? -13.956 -10.833 8.175   1.00 34.87 ? 610  PHE A C   1 
ATOM   531 O O   . PHE A 1 68 ? -15.120 -11.009 7.806   1.00 37.98 ? 610  PHE A O   1 
ATOM   532 C CB  . PHE A 1 68 ? -14.583 -8.665  9.276   1.00 30.42 ? 610  PHE A CB  1 
ATOM   533 C CG  . PHE A 1 68 ? -14.374 -7.724  10.416  1.00 29.28 ? 610  PHE A CG  1 
ATOM   534 C CD1 . PHE A 1 68 ? -13.381 -6.759  10.358  1.00 31.28 ? 610  PHE A CD1 1 
ATOM   535 C CD2 . PHE A 1 68 ? -15.136 -7.832  11.568  1.00 31.42 ? 610  PHE A CD2 1 
ATOM   536 C CE1 . PHE A 1 68 ? -13.168 -5.900  11.411  1.00 31.66 ? 610  PHE A CE1 1 
ATOM   537 C CE2 . PHE A 1 68 ? -14.926 -6.974  12.632  1.00 32.82 ? 610  PHE A CE2 1 
ATOM   538 C CZ  . PHE A 1 68 ? -13.941 -6.008  12.553  1.00 34.76 ? 610  PHE A CZ  1 
ATOM   539 N N   . SER A 1 69 ? -12.911 -11.446 7.623   1.00 35.51 ? 611  SER A N   1 
ATOM   540 C CA  . SER A 1 69 ? -13.056 -12.390 6.519   1.00 38.39 ? 611  SER A CA  1 
ATOM   541 C C   . SER A 1 69 ? -13.398 -13.780 7.040   1.00 41.31 ? 611  SER A C   1 
ATOM   542 O O   . SER A 1 69 ? -13.269 -14.053 8.237   1.00 42.93 ? 611  SER A O   1 
ATOM   543 C CB  . SER A 1 69 ? -11.776 -12.438 5.669   1.00 38.28 ? 611  SER A CB  1 
ATOM   544 O OG  . SER A 1 69 ? -10.713 -13.082 6.360   1.00 41.84 ? 611  SER A OG  1 
HETATM 545 S S   . SO4 B 2 .  ? -1.678  2.878   11.619  1.00 15.22 ? 1612 SO4 A S   1 
HETATM 546 O O1  . SO4 B 2 .  ? -1.455  4.314   11.716  1.00 18.65 ? 1612 SO4 A O1  1 
HETATM 547 O O2  . SO4 B 2 .  ? -1.320  2.408   10.280  1.00 13.63 ? 1612 SO4 A O2  1 
HETATM 548 O O3  . SO4 B 2 .  ? -0.845  2.216   12.631  1.00 19.32 ? 1612 SO4 A O3  1 
HETATM 549 O O4  . SO4 B 2 .  ? -3.070  2.563   11.823  1.00 15.59 ? 1612 SO4 A O4  1 
HETATM 550 O O   . HOH C 3 .  ? 5.237   -13.520 0.545   1.00 33.37 ? 2001 HOH A O   1 
HETATM 551 O O   . HOH C 3 .  ? -2.235  -16.581 2.943   1.00 30.50 ? 2002 HOH A O   1 
HETATM 552 O O   . HOH C 3 .  ? -10.615 -3.238  -9.411  1.00 34.65 ? 2003 HOH A O   1 
HETATM 553 O O   . HOH C 3 .  ? -10.196 -5.717  -8.681  1.00 35.97 ? 2004 HOH A O   1 
HETATM 554 O O   . HOH C 3 .  ? -9.458  -7.635  -3.753  1.00 31.28 ? 2005 HOH A O   1 
HETATM 555 O O   . HOH C 3 .  ? 5.614   -3.218  8.914   1.00 27.95 ? 2006 HOH A O   1 
HETATM 556 O O   . HOH C 3 .  ? 10.663  9.997   6.950   1.00 32.10 ? 2007 HOH A O   1 
HETATM 557 O O   . HOH C 3 .  ? -6.897  11.168  -0.556  1.00 33.40 ? 2008 HOH A O   1 
HETATM 558 O O   . HOH C 3 .  ? -9.055  7.362   -0.048  1.00 25.38 ? 2009 HOH A O   1 
HETATM 559 O O   . HOH C 3 .  ? -9.805  3.199   -0.895  1.00 23.00 ? 2010 HOH A O   1 
HETATM 560 O O   . HOH C 3 .  ? -7.544  -2.154  11.937  1.00 27.09 ? 2011 HOH A O   1 
HETATM 561 O O   . HOH C 3 .  ? 4.731   -3.217  11.817  1.00 37.82 ? 2012 HOH A O   1 
HETATM 562 O O   . HOH C 3 .  ? -6.422  -9.051  -1.396  1.00 26.11 ? 2013 HOH A O   1 
HETATM 563 O O   . HOH C 3 .  ? 3.433   -11.920 1.080   1.00 24.72 ? 2014 HOH A O   1 
HETATM 564 O O   . HOH C 3 .  ? -3.695  -14.927 1.260   1.00 28.52 ? 2015 HOH A O   1 
HETATM 565 O O   . HOH C 3 .  ? -6.135  -4.318  -9.696  1.00 20.58 ? 2016 HOH A O   1 
HETATM 566 O O   . HOH C 3 .  ? -1.622  -7.206  -11.212 1.00 24.04 ? 2017 HOH A O   1 
HETATM 567 O O   . HOH C 3 .  ? -8.005  -2.097  -10.723 1.00 29.18 ? 2018 HOH A O   1 
HETATM 568 O O   . HOH C 3 .  ? -5.730  2.602   -11.692 1.00 27.57 ? 2019 HOH A O   1 
HETATM 569 O O   . HOH C 3 .  ? -7.000  -1.953  -3.192  1.00 22.53 ? 2020 HOH A O   1 
HETATM 570 O O   . HOH C 3 .  ? -7.522  -4.355  -1.288  1.00 28.59 ? 2021 HOH A O   1 
HETATM 571 O O   . HOH C 3 .  ? -7.485  -6.281  -8.425  1.00 26.78 ? 2022 HOH A O   1 
HETATM 572 O O   . HOH C 3 .  ? -7.158  -8.983  -3.799  1.00 29.45 ? 2023 HOH A O   1 
HETATM 573 O O   . HOH C 3 .  ? -7.948  6.065   -3.933  1.00 18.61 ? 2024 HOH A O   1 
HETATM 574 O O   . HOH C 3 .  ? 3.140   1.889   -12.434 1.00 32.03 ? 2025 HOH A O   1 
HETATM 575 O O   . HOH C 3 .  ? 1.842   -0.093  -11.232 1.00 27.33 ? 2026 HOH A O   1 
HETATM 576 O O   . HOH C 3 .  ? -0.267  -0.645  -9.945  1.00 18.34 ? 2027 HOH A O   1 
HETATM 577 O O   . HOH C 3 .  ? -3.551  1.160   -12.924 1.00 19.34 ? 2028 HOH A O   1 
HETATM 578 O O   . HOH C 3 .  ? -0.503  5.420   -12.961 1.00 26.69 ? 2029 HOH A O   1 
HETATM 579 O O   . HOH C 3 .  ? 5.549   8.075   -10.217 1.00 36.44 ? 2030 HOH A O   1 
HETATM 580 O O   . HOH C 3 .  ? 5.761   2.430   -12.422 1.00 35.43 ? 2031 HOH A O   1 
HETATM 581 O O   . HOH C 3 .  ? 8.548   6.006   -10.444 1.00 35.46 ? 2032 HOH A O   1 
HETATM 582 O O   . HOH C 3 .  ? 6.133   3.866   -10.039 1.00 26.00 ? 2033 HOH A O   1 
HETATM 583 O O   . HOH C 3 .  ? 10.847  3.890   -1.696  1.00 25.12 ? 2034 HOH A O   1 
HETATM 584 O O   . HOH C 3 .  ? 7.902   -1.809  -10.416 1.00 29.22 ? 2035 HOH A O   1 
HETATM 585 O O   . HOH C 3 .  ? 13.646  -5.621  2.234   1.00 37.52 ? 2036 HOH A O   1 
HETATM 586 O O   . HOH C 3 .  ? 9.133   -9.157  -2.307  1.00 24.87 ? 2037 HOH A O   1 
HETATM 587 O O   . HOH C 3 .  ? 3.717   -6.033  -6.874  1.00 16.04 ? 2038 HOH A O   1 
HETATM 588 O O   . HOH C 3 .  ? 3.567   -4.436  7.318   1.00 20.34 ? 2039 HOH A O   1 
HETATM 589 O O   . HOH C 3 .  ? 7.492   -11.760 2.116   1.00 33.49 ? 2040 HOH A O   1 
HETATM 590 O O   . HOH C 3 .  ? 8.944   -7.780  3.832   1.00 38.86 ? 2041 HOH A O   1 
HETATM 591 O O   . HOH C 3 .  ? 7.491   -5.800  5.572   1.00 33.34 ? 2042 HOH A O   1 
HETATM 592 O O   . HOH C 3 .  ? -1.493  -11.369 6.950   1.00 35.41 ? 2043 HOH A O   1 
HETATM 593 O O   . HOH C 3 .  ? -4.046  -8.000  8.919   1.00 33.53 ? 2044 HOH A O   1 
HETATM 594 O O   . HOH C 3 .  ? 0.176   -9.404  6.915   1.00 31.48 ? 2045 HOH A O   1 
HETATM 595 O O   . HOH C 3 .  ? 0.262   -0.187  11.887  1.00 20.37 ? 2046 HOH A O   1 
HETATM 596 O O   . HOH C 3 .  ? -1.656  -2.303  12.059  1.00 27.77 ? 2047 HOH A O   1 
HETATM 597 O O   . HOH C 3 .  ? 4.706   4.531   12.146  1.00 29.47 ? 2048 HOH A O   1 
HETATM 598 O O   . HOH C 3 .  ? 4.611   11.647  8.050   1.00 32.54 ? 2049 HOH A O   1 
HETATM 599 O O   . HOH C 3 .  ? 1.731   7.465   10.872  1.00 21.82 ? 2050 HOH A O   1 
HETATM 600 O O   . HOH C 3 .  ? 8.996   8.206   8.452   1.00 34.51 ? 2051 HOH A O   1 
HETATM 601 O O   . HOH C 3 .  ? 3.902   0.749   11.309  1.00 32.09 ? 2052 HOH A O   1 
HETATM 602 O O   . HOH C 3 .  ? 9.253   11.781  3.098   1.00 32.74 ? 2053 HOH A O   1 
HETATM 603 O O   . HOH C 3 .  ? 9.688   3.927   8.579   1.00 36.45 ? 2054 HOH A O   1 
HETATM 604 O O   . HOH C 3 .  ? -1.815  12.202  1.540   1.00 22.49 ? 2055 HOH A O   1 
HETATM 605 O O   . HOH C 3 .  ? 5.763   14.613  -0.613  1.00 30.02 ? 2056 HOH A O   1 
HETATM 606 O O   . HOH C 3 .  ? 5.066   14.292  -6.749  1.00 26.93 ? 2057 HOH A O   1 
HETATM 607 O O   . HOH C 3 .  ? -4.683  13.412  -3.834  1.00 33.62 ? 2058 HOH A O   1 
HETATM 608 O O   . HOH C 3 .  ? -3.879  10.846  -0.713  1.00 18.08 ? 2059 HOH A O   1 
HETATM 609 O O   . HOH C 3 .  ? 4.561   15.912  -3.948  1.00 25.66 ? 2060 HOH A O   1 
HETATM 610 O O   . HOH C 3 .  ? 2.675   11.251  5.945   1.00 31.34 ? 2061 HOH A O   1 
HETATM 611 O O   . HOH C 3 .  ? 5.759   15.346  3.528   1.00 35.01 ? 2062 HOH A O   1 
HETATM 612 O O   . HOH C 3 .  ? 7.633   13.836  4.491   1.00 35.29 ? 2063 HOH A O   1 
HETATM 613 O O   . HOH C 3 .  ? -7.578  9.753   1.036   1.00 24.33 ? 2064 HOH A O   1 
HETATM 614 O O   . HOH C 3 .  ? -7.889  5.112   -1.132  1.00 19.78 ? 2065 HOH A O   1 
HETATM 615 O O   . HOH C 3 .  ? -13.408 5.438   5.254   1.00 34.69 ? 2066 HOH A O   1 
HETATM 616 O O   . HOH C 3 .  ? -7.893  -1.685  -0.266  1.00 18.55 ? 2067 HOH A O   1 
HETATM 617 O O   . HOH C 3 .  ? -9.847  0.457   -0.401  1.00 18.36 ? 2068 HOH A O   1 
HETATM 618 O O   . HOH C 3 .  ? -13.704 -0.629  5.024   1.00 16.07 ? 2069 HOH A O   1 
HETATM 619 O O   . HOH C 3 .  ? -11.898 3.411   1.022   1.00 26.53 ? 2070 HOH A O   1 
HETATM 620 O O   . HOH C 3 .  ? -5.270  -1.154  12.493  1.00 21.28 ? 2071 HOH A O   1 
HETATM 621 O O   . HOH C 3 .  ? -9.971  -1.063  12.305  1.00 31.80 ? 2072 HOH A O   1 
HETATM 622 O O   . HOH C 3 .  ? -11.187 1.709   7.478   1.00 31.57 ? 2073 HOH A O   1 
HETATM 623 O O   . HOH C 3 .  ? -14.693 -1.409  8.305   1.00 15.92 ? 2074 HOH A O   1 
HETATM 624 O O   . HOH C 3 .  ? -13.587 -10.053 4.070   1.00 27.02 ? 2075 HOH A O   1 
HETATM 625 O O   . HOH C 3 .  ? -10.040 -10.605 3.229   1.00 35.94 ? 2076 HOH A O   1 
HETATM 626 O O   . HOH C 3 .  ? -10.945 -3.518  14.197  1.00 32.27 ? 2077 HOH A O   1 
HETATM 627 O O   . HOH C 3 .  ? -17.660 -12.315 8.101   1.00 29.55 ? 2078 HOH A O   1 
HETATM 628 O O   . HOH C 3 .  ? -0.741  6.272   10.201  1.00 16.42 ? 2079 HOH A O   1 
HETATM 629 O O   . HOH C 3 .  ? -0.091  5.257   13.942  1.00 27.07 ? 2080 HOH A O   1 
HETATM 630 O O   . HOH C 3 .  ? 1.442   2.808   14.106  1.00 35.04 ? 2081 HOH A O   1 
# 
